data_6A1G
#
_entry.id   6A1G
#
_cell.length_a   67.841
_cell.length_b   69.365
_cell.length_c   89.150
_cell.angle_alpha   90.00
_cell.angle_beta   108.81
_cell.angle_gamma   90.00
#
_symmetry.space_group_name_H-M   'P 1 21 1'
#
loop_
_entity.id
_entity.type
_entity.pdbx_description
1 polymer 'Dual specificity tyrosine-phosphorylation-regulated kinase 1A'
2 non-polymer 5,5-dimethyl-8-[1-(piperidin-4-yl)ethenyl]-5,6-dihydrobenzo[h]quinazolin-4-amine
3 water water
#
_entity_poly.entity_id   1
_entity_poly.type   'polypeptide(L)'
_entity_poly.pdbx_seq_one_letter_code
;GPMSSHKKERKVYNDGYDDDNYDYIVKNGEKWMDRYEIDSLIGKGSFGQVVKAYDRVEQEWVAIKIIKNKKAFLNQAQIE
VRLLELMNKHDTEMKYYIVHLKRHFMFRNHLCLVFEMLSYNLYDLLRNTNFRGVSLNLTRKFAQQMCTALLFLATPELSI
IHCDLKPENILLCNPKRSAIKIVDFGSSCQLGQRIYQ(PTR)IQSRFYRSPEVLLGMPYDLAIDMWSLGCILVEMHTGEP
LFSGANEVDQMNKIVEVLGIPPAHILDQAPKARKFFEKLPDGTWNLKKTKDGKREYKPPGTRKLHNILGVETGGPGGRRA
GESGHTVADYLKFKDLILRMLDYDPKTRIQPYYALQHSFFKKTA
;
_entity_poly.pdbx_strand_id   A,B
#
loop_
_chem_comp.id
_chem_comp.type
_chem_comp.name
_chem_comp.formula
9OL non-polymer 5,5-dimethyl-8-[1-(piperidin-4-yl)ethenyl]-5,6-dihydrobenzo[h]quinazolin-4-amine 'C21 H26 N4'
#
# COMPACT_ATOMS: atom_id res chain seq x y z
N LYS A 11 6.45 17.98 -15.81
CA LYS A 11 6.55 17.00 -14.69
C LYS A 11 6.52 15.56 -15.24
N VAL A 12 7.53 14.78 -14.86
CA VAL A 12 7.82 13.48 -15.47
C VAL A 12 7.83 12.40 -14.39
N TYR A 13 7.07 11.34 -14.62
CA TYR A 13 7.02 10.23 -13.70
C TYR A 13 7.63 9.03 -14.39
N ASN A 14 8.53 8.35 -13.68
CA ASN A 14 9.19 7.16 -14.15
C ASN A 14 9.70 7.27 -15.57
N ASP A 15 10.50 8.30 -15.81
CA ASP A 15 11.05 8.59 -17.15
C ASP A 15 10.00 8.73 -18.26
N GLY A 16 8.75 9.10 -17.91
CA GLY A 16 7.64 9.19 -18.87
C GLY A 16 6.71 7.98 -18.98
N TYR A 17 7.08 6.87 -18.36
CA TYR A 17 6.28 5.64 -18.44
C TYR A 17 5.01 5.62 -17.60
N ASP A 18 5.01 6.43 -16.54
CA ASP A 18 3.90 6.49 -15.60
C ASP A 18 3.10 7.79 -15.74
N ASP A 19 1.82 7.71 -15.40
CA ASP A 19 1.02 8.90 -15.13
C ASP A 19 1.29 9.38 -13.70
N ASP A 20 0.56 10.41 -13.28
CA ASP A 20 0.69 11.00 -11.96
C ASP A 20 0.07 10.15 -10.84
N ASN A 21 -0.36 8.94 -11.20
CA ASN A 21 -1.03 8.05 -10.27
C ASN A 21 -0.26 6.72 -10.06
N TYR A 22 1.03 6.75 -10.38
CA TYR A 22 1.94 5.58 -10.32
C TYR A 22 1.61 4.42 -11.26
N ASP A 23 0.62 4.61 -12.14
CA ASP A 23 0.23 3.60 -13.11
C ASP A 23 1.12 3.68 -14.34
N TYR A 24 1.47 2.51 -14.92
CA TYR A 24 2.13 2.45 -16.22
C TYR A 24 1.16 2.96 -17.30
N ILE A 25 1.65 3.78 -18.23
CA ILE A 25 0.73 4.34 -19.26
C ILE A 25 0.60 3.32 -20.38
N VAL A 26 -0.57 2.68 -20.41
CA VAL A 26 -0.77 1.59 -21.36
C VAL A 26 -0.85 2.10 -22.80
N LYS A 27 0.04 1.52 -23.60
CA LYS A 27 0.14 1.75 -25.04
C LYS A 27 -0.29 0.52 -25.78
N ASN A 28 -1.40 0.63 -26.52
CA ASN A 28 -1.91 -0.45 -27.36
C ASN A 28 -0.87 -0.82 -28.42
N GLY A 29 -0.54 -2.11 -28.47
CA GLY A 29 0.42 -2.66 -29.40
C GLY A 29 1.88 -2.63 -28.99
N GLU A 30 2.17 -2.10 -27.80
CA GLU A 30 3.56 -2.10 -27.33
C GLU A 30 4.12 -3.54 -27.16
N LYS A 31 5.41 -3.73 -27.43
CA LYS A 31 6.03 -5.03 -27.29
C LYS A 31 7.01 -4.99 -26.14
N TRP A 32 6.81 -5.85 -25.14
CA TRP A 32 7.76 -5.89 -24.02
C TRP A 32 8.72 -7.03 -24.15
N MET A 33 10.00 -6.74 -23.96
CA MET A 33 11.03 -7.78 -23.73
C MET A 33 11.09 -8.83 -24.84
N ASP A 34 10.74 -8.37 -26.05
CA ASP A 34 10.63 -9.22 -27.26
C ASP A 34 9.71 -10.42 -27.02
N ARG A 35 8.82 -10.30 -26.03
CA ARG A 35 7.93 -11.40 -25.64
C ARG A 35 6.42 -11.05 -25.65
N TYR A 36 6.04 -10.00 -24.93
CA TYR A 36 4.62 -9.69 -24.75
C TYR A 36 4.18 -8.57 -25.69
N GLU A 37 3.07 -8.80 -26.37
CA GLU A 37 2.45 -7.77 -27.18
C GLU A 37 1.19 -7.26 -26.49
N ILE A 38 1.21 -6.00 -26.06
CA ILE A 38 0.10 -5.46 -25.28
C ILE A 38 -1.05 -5.11 -26.21
N ASP A 39 -2.19 -5.72 -25.98
CA ASP A 39 -3.33 -5.52 -26.84
C ASP A 39 -4.09 -4.33 -26.32
N SER A 40 -4.58 -4.44 -25.08
CA SER A 40 -5.49 -3.45 -24.51
C SER A 40 -5.62 -3.48 -22.98
N LEU A 41 -6.05 -2.36 -22.43
CA LEU A 41 -6.47 -2.22 -21.05
C LEU A 41 -7.84 -2.86 -20.86
N ILE A 42 -7.95 -3.80 -19.92
CA ILE A 42 -9.25 -4.45 -19.66
C ILE A 42 -9.78 -4.19 -18.26
N GLY A 43 -9.11 -3.31 -17.50
CA GLY A 43 -9.51 -3.02 -16.12
C GLY A 43 -8.57 -2.13 -15.33
N LYS A 44 -9.16 -1.33 -14.44
CA LYS A 44 -8.41 -0.48 -13.52
C LYS A 44 -8.85 -0.84 -12.10
N GLY A 45 -7.91 -0.89 -11.16
CA GLY A 45 -8.24 -1.01 -9.74
C GLY A 45 -7.28 -0.20 -8.89
N SER A 46 -7.44 -0.29 -7.57
CA SER A 46 -6.55 0.45 -6.65
C SER A 46 -5.07 0.04 -6.78
N PHE A 47 -4.84 -1.26 -7.01
CA PHE A 47 -3.49 -1.85 -7.14
C PHE A 47 -2.78 -1.39 -8.43
N GLY A 48 -3.56 -0.98 -9.45
CA GLY A 48 -3.02 -0.71 -10.79
C GLY A 48 -4.00 -1.14 -11.87
N GLN A 49 -3.48 -1.82 -12.89
CA GLN A 49 -4.26 -2.17 -14.08
C GLN A 49 -4.06 -3.60 -14.53
N VAL A 50 -5.01 -4.06 -15.33
CA VAL A 50 -4.93 -5.35 -15.98
C VAL A 50 -5.01 -5.14 -17.50
N VAL A 51 -4.03 -5.66 -18.22
CA VAL A 51 -4.03 -5.67 -19.70
C VAL A 51 -4.18 -7.09 -20.23
N LYS A 52 -4.74 -7.19 -21.44
CA LYS A 52 -4.75 -8.36 -22.29
C LYS A 52 -3.52 -8.27 -23.17
N ALA A 53 -2.76 -9.37 -23.25
CA ALA A 53 -1.50 -9.37 -24.01
C ALA A 53 -1.28 -10.70 -24.64
N TYR A 54 -0.55 -10.71 -25.75
CA TYR A 54 -0.18 -11.95 -26.40
C TYR A 54 1.26 -12.35 -26.03
N ASP A 55 1.45 -13.60 -25.62
CA ASP A 55 2.78 -14.08 -25.14
C ASP A 55 3.38 -14.85 -26.32
N ARG A 56 4.52 -14.39 -26.82
CA ARG A 56 5.11 -15.00 -28.03
C ARG A 56 5.80 -16.34 -27.76
N VAL A 57 6.37 -16.49 -26.57
CA VAL A 57 7.03 -17.74 -26.22
C VAL A 57 5.98 -18.85 -26.18
N GLU A 58 4.89 -18.64 -25.43
CA GLU A 58 3.88 -19.68 -25.20
C GLU A 58 2.78 -19.68 -26.25
N GLN A 59 2.71 -18.61 -27.04
CA GLN A 59 1.70 -18.46 -28.09
C GLN A 59 0.28 -18.53 -27.53
N GLU A 60 -0.06 -17.60 -26.65
CA GLU A 60 -1.37 -17.55 -26.03
C GLU A 60 -1.69 -16.15 -25.50
N TRP A 61 -2.98 -15.86 -25.34
CA TRP A 61 -3.37 -14.59 -24.79
C TRP A 61 -3.31 -14.72 -23.31
N VAL A 62 -2.76 -13.72 -22.63
CA VAL A 62 -2.71 -13.71 -21.17
C VAL A 62 -3.26 -12.42 -20.59
N ALA A 63 -3.62 -12.48 -19.31
CA ALA A 63 -3.95 -11.29 -18.54
C ALA A 63 -2.75 -10.90 -17.69
N ILE A 64 -2.30 -9.65 -17.86
CA ILE A 64 -1.14 -9.13 -17.14
C ILE A 64 -1.61 -8.08 -16.15
N LYS A 65 -1.43 -8.37 -14.86
CA LYS A 65 -1.79 -7.42 -13.78
C LYS A 65 -0.59 -6.52 -13.52
N ILE A 66 -0.72 -5.23 -13.86
CA ILE A 66 0.40 -4.28 -13.74
C ILE A 66 0.24 -3.48 -12.45
N ILE A 67 1.07 -3.82 -11.45
CA ILE A 67 1.04 -3.16 -10.15
C ILE A 67 1.59 -1.76 -10.25
N LYS A 68 0.97 -0.83 -9.53
CA LYS A 68 1.46 0.55 -9.44
C LYS A 68 2.92 0.62 -9.01
N ASN A 69 3.66 1.59 -9.59
CA ASN A 69 5.04 1.90 -9.21
C ASN A 69 5.05 2.75 -7.94
N LYS A 70 4.64 2.11 -6.85
CA LYS A 70 4.47 2.77 -5.57
C LYS A 70 4.61 1.67 -4.52
N LYS A 71 5.37 1.95 -3.47
CA LYS A 71 5.85 0.95 -2.52
C LYS A 71 4.72 0.25 -1.79
N ALA A 72 3.75 1.03 -1.35
CA ALA A 72 2.59 0.48 -0.69
C ALA A 72 1.90 -0.61 -1.53
N PHE A 73 1.92 -0.45 -2.87
CA PHE A 73 1.22 -1.39 -3.73
C PHE A 73 2.11 -2.55 -4.13
N LEU A 74 3.40 -2.28 -4.21
CA LEU A 74 4.39 -3.30 -4.50
C LEU A 74 4.40 -4.37 -3.39
N ASN A 75 4.46 -3.94 -2.14
CA ASN A 75 4.45 -4.83 -0.96
C ASN A 75 3.20 -5.67 -0.84
N GLN A 76 2.06 -5.06 -1.12
CA GLN A 76 0.81 -5.82 -1.16
C GLN A 76 0.86 -6.93 -2.22
N ALA A 77 1.35 -6.60 -3.40
CA ALA A 77 1.46 -7.53 -4.50
C ALA A 77 2.50 -8.64 -4.26
N GLN A 78 3.56 -8.31 -3.52
CA GLN A 78 4.55 -9.34 -3.11
C GLN A 78 3.93 -10.42 -2.19
N ILE A 79 3.06 -10.00 -1.27
CA ILE A 79 2.17 -10.89 -0.53
C ILE A 79 1.25 -11.73 -1.45
N GLU A 80 0.60 -11.08 -2.41
CA GLU A 80 -0.26 -11.75 -3.40
C GLU A 80 0.54 -12.82 -4.18
N VAL A 81 1.72 -12.46 -4.69
CA VAL A 81 2.59 -13.40 -5.40
C VAL A 81 2.97 -14.59 -4.50
N ARG A 82 3.31 -14.31 -3.25
CA ARG A 82 3.76 -15.38 -2.33
C ARG A 82 2.62 -16.39 -2.13
N LEU A 83 1.39 -15.89 -2.07
CA LEU A 83 0.23 -16.75 -1.87
C LEU A 83 -0.13 -17.57 -3.11
N LEU A 84 -0.05 -16.96 -4.29
CA LEU A 84 -0.33 -17.66 -5.54
C LEU A 84 0.75 -18.72 -5.83
N GLU A 85 1.99 -18.42 -5.50
CA GLU A 85 3.10 -19.36 -5.69
C GLU A 85 3.02 -20.56 -4.72
N LEU A 86 2.54 -20.30 -3.50
CA LEU A 86 2.30 -21.34 -2.50
C LEU A 86 1.19 -22.29 -2.95
N MET A 87 0.07 -21.72 -3.41
CA MET A 87 -1.06 -22.48 -3.97
C MET A 87 -0.67 -23.31 -5.19
N ASN A 88 0.24 -22.76 -6.01
CA ASN A 88 0.76 -23.39 -7.22
C ASN A 88 1.57 -24.63 -6.93
N LYS A 89 2.34 -24.60 -5.84
CA LYS A 89 3.21 -25.71 -5.48
C LYS A 89 2.41 -26.96 -5.06
N HIS A 90 1.10 -26.78 -4.84
CA HIS A 90 0.25 -27.87 -4.37
C HIS A 90 -0.25 -28.84 -5.41
N ASP A 91 -0.18 -30.13 -5.08
CA ASP A 91 -0.57 -31.20 -6.01
C ASP A 91 -2.03 -31.67 -5.83
N THR A 92 -2.97 -30.92 -6.40
CA THR A 92 -4.39 -31.33 -6.44
C THR A 92 -5.05 -30.79 -7.70
N GLU A 93 -6.20 -31.38 -8.03
CA GLU A 93 -7.07 -30.86 -9.08
C GLU A 93 -8.01 -29.77 -8.53
N MET A 94 -7.95 -29.59 -7.20
CA MET A 94 -8.69 -28.53 -6.51
C MET A 94 -8.10 -27.16 -6.83
N LYS A 95 -6.78 -27.15 -7.05
CA LYS A 95 -5.96 -25.99 -7.45
C LYS A 95 -6.55 -25.16 -8.59
N TYR A 96 -7.22 -25.82 -9.53
CA TYR A 96 -7.61 -25.17 -10.77
C TYR A 96 -8.95 -24.43 -10.66
N TYR A 97 -9.50 -24.38 -9.44
CA TYR A 97 -10.61 -23.45 -9.18
C TYR A 97 -10.12 -22.06 -8.72
N ILE A 98 -8.79 -21.90 -8.67
CA ILE A 98 -8.14 -20.63 -8.41
C ILE A 98 -7.45 -20.19 -9.71
N VAL A 99 -7.46 -18.89 -10.02
CA VAL A 99 -6.72 -18.38 -11.19
C VAL A 99 -5.23 -18.70 -11.08
N HIS A 100 -4.65 -19.19 -12.18
CA HIS A 100 -3.25 -19.61 -12.21
C HIS A 100 -2.32 -18.47 -12.56
N LEU A 101 -1.42 -18.17 -11.61
CA LEU A 101 -0.28 -17.31 -11.84
C LEU A 101 0.77 -18.09 -12.59
N LYS A 102 1.06 -17.64 -13.81
CA LYS A 102 2.03 -18.26 -14.68
C LYS A 102 3.43 -17.82 -14.33
N ARG A 103 3.60 -16.53 -14.09
CA ARG A 103 4.90 -15.95 -13.81
C ARG A 103 4.77 -14.49 -13.41
N HIS A 104 5.87 -13.93 -12.93
CA HIS A 104 5.96 -12.54 -12.55
C HIS A 104 7.29 -11.98 -12.96
N PHE A 105 7.29 -10.69 -13.29
CA PHE A 105 8.51 -10.00 -13.64
C PHE A 105 8.38 -8.51 -13.28
N MET A 106 9.52 -7.85 -13.22
CA MET A 106 9.59 -6.42 -13.13
C MET A 106 9.79 -5.89 -14.54
N PHE A 107 9.09 -4.81 -14.89
CA PHE A 107 9.26 -4.17 -16.21
C PHE A 107 8.99 -2.69 -15.99
N ARG A 108 10.01 -1.88 -16.23
CA ARG A 108 9.99 -0.43 -15.98
C ARG A 108 9.52 -0.05 -14.57
N ASN A 109 10.05 -0.76 -13.56
CA ASN A 109 9.71 -0.50 -12.15
C ASN A 109 8.28 -0.82 -11.75
N HIS A 110 7.63 -1.69 -12.52
CA HIS A 110 6.32 -2.22 -12.18
C HIS A 110 6.40 -3.72 -12.02
N LEU A 111 5.90 -4.24 -10.90
CA LEU A 111 5.68 -5.67 -10.76
C LEU A 111 4.51 -6.10 -11.66
N CYS A 112 4.76 -7.07 -12.53
CA CYS A 112 3.75 -7.62 -13.40
C CYS A 112 3.49 -9.09 -13.13
N LEU A 113 2.22 -9.39 -12.88
CA LEU A 113 1.75 -10.76 -12.70
C LEU A 113 1.04 -11.23 -13.97
N VAL A 114 1.47 -12.38 -14.50
CA VAL A 114 0.90 -12.96 -15.71
C VAL A 114 0.02 -14.14 -15.35
N PHE A 115 -1.27 -13.99 -15.69
CA PHE A 115 -2.28 -14.98 -15.41
C PHE A 115 -2.86 -15.45 -16.70
N GLU A 116 -3.35 -16.68 -16.67
CA GLU A 116 -4.25 -17.19 -17.71
C GLU A 116 -5.40 -16.17 -17.99
N MET A 117 -5.80 -16.05 -19.25
CA MET A 117 -6.88 -15.15 -19.62
C MET A 117 -8.21 -15.87 -19.35
N LEU A 118 -9.00 -15.29 -18.45
CA LEU A 118 -10.33 -15.80 -18.16
C LEU A 118 -11.37 -14.95 -18.86
N SER A 119 -12.65 -15.26 -18.65
CA SER A 119 -13.71 -14.50 -19.26
C SER A 119 -14.27 -13.52 -18.26
N TYR A 120 -15.54 -13.15 -18.43
CA TYR A 120 -16.16 -12.18 -17.55
C TYR A 120 -16.62 -12.81 -16.20
N ASN A 121 -16.94 -11.95 -15.25
CA ASN A 121 -17.20 -12.37 -13.87
C ASN A 121 -18.66 -12.67 -13.62
N LEU A 122 -18.98 -13.17 -12.42
CA LEU A 122 -20.35 -13.60 -12.12
C LEU A 122 -21.34 -12.44 -11.98
N TYR A 123 -20.83 -11.24 -11.77
CA TYR A 123 -21.69 -10.06 -11.80
C TYR A 123 -22.14 -9.78 -13.25
N ASP A 124 -21.21 -9.89 -14.19
CA ASP A 124 -21.49 -9.71 -15.61
C ASP A 124 -22.55 -10.70 -16.07
N LEU A 125 -22.44 -11.93 -15.59
CA LEU A 125 -23.40 -12.99 -15.85
C LEU A 125 -24.79 -12.60 -15.39
N LEU A 126 -24.87 -12.03 -14.19
CA LEU A 126 -26.13 -11.64 -13.59
C LEU A 126 -26.75 -10.48 -14.38
N ARG A 127 -25.93 -9.53 -14.83
CA ARG A 127 -26.40 -8.46 -15.72
C ARG A 127 -27.00 -9.05 -16.99
N ASN A 128 -26.33 -10.06 -17.54
CA ASN A 128 -26.79 -10.73 -18.75
C ASN A 128 -27.97 -11.67 -18.50
N THR A 129 -28.39 -11.80 -17.25
CA THR A 129 -29.67 -12.42 -16.93
C THR A 129 -30.73 -11.34 -16.66
N ASN A 130 -30.37 -10.09 -16.94
CA ASN A 130 -31.08 -8.88 -16.53
C ASN A 130 -31.43 -8.88 -15.04
N PHE A 131 -30.51 -9.40 -14.25
CA PHE A 131 -30.65 -9.49 -12.79
C PHE A 131 -31.85 -10.33 -12.35
N ARG A 132 -32.18 -11.35 -13.15
CA ARG A 132 -33.21 -12.34 -12.77
C ARG A 132 -32.59 -13.63 -12.23
N GLY A 133 -31.27 -13.74 -12.33
CA GLY A 133 -30.55 -14.90 -11.83
C GLY A 133 -30.45 -16.08 -12.79
N VAL A 134 -29.57 -17.00 -12.44
CA VAL A 134 -29.38 -18.23 -13.21
C VAL A 134 -30.19 -19.32 -12.52
N SER A 135 -30.34 -20.46 -13.18
CA SER A 135 -31.17 -21.52 -12.65
C SER A 135 -30.50 -22.14 -11.40
N LEU A 136 -31.27 -22.95 -10.67
CA LEU A 136 -30.79 -23.64 -9.49
C LEU A 136 -29.70 -24.64 -9.85
N ASN A 137 -29.82 -25.22 -11.05
CA ASN A 137 -28.84 -26.17 -11.57
C ASN A 137 -27.48 -25.54 -11.84
N LEU A 138 -27.49 -24.33 -12.39
CA LEU A 138 -26.24 -23.60 -12.62
C LEU A 138 -25.69 -23.11 -11.27
N THR A 139 -26.59 -22.67 -10.38
CA THR A 139 -26.22 -22.25 -9.01
C THR A 139 -25.53 -23.39 -8.28
N ARG A 140 -26.03 -24.61 -8.47
CA ARG A 140 -25.50 -25.81 -7.83
C ARG A 140 -24.10 -26.13 -8.33
N LYS A 141 -23.89 -26.07 -9.65
CA LYS A 141 -22.55 -26.27 -10.24
C LYS A 141 -21.55 -25.19 -9.78
N PHE A 142 -21.99 -23.92 -9.73
CA PHE A 142 -21.21 -22.82 -9.15
C PHE A 142 -20.91 -23.06 -7.69
N ALA A 143 -21.91 -23.50 -6.94
CA ALA A 143 -21.76 -23.77 -5.51
C ALA A 143 -20.73 -24.88 -5.25
N GLN A 144 -20.74 -25.92 -6.08
CA GLN A 144 -19.84 -27.08 -5.88
C GLN A 144 -18.39 -26.72 -6.14
N GLN A 145 -18.14 -25.97 -7.21
CA GLN A 145 -16.79 -25.52 -7.54
C GLN A 145 -16.24 -24.62 -6.43
N MET A 146 -17.10 -23.73 -5.96
CA MET A 146 -16.75 -22.75 -4.94
C MET A 146 -16.49 -23.39 -3.59
N CYS A 147 -17.27 -24.40 -3.23
CA CYS A 147 -17.00 -25.17 -2.01
C CYS A 147 -15.67 -25.93 -2.11
N THR A 148 -15.36 -26.40 -3.32
CA THR A 148 -14.11 -27.11 -3.62
C THR A 148 -12.91 -26.15 -3.56
N ALA A 149 -13.08 -24.94 -4.08
CA ALA A 149 -12.07 -23.90 -3.97
C ALA A 149 -11.78 -23.57 -2.51
N LEU A 150 -12.84 -23.40 -1.72
CA LEU A 150 -12.69 -23.08 -0.31
C LEU A 150 -12.07 -24.24 0.50
N LEU A 151 -12.27 -25.48 0.04
CA LEU A 151 -11.65 -26.65 0.68
C LEU A 151 -10.13 -26.60 0.46
N PHE A 152 -9.74 -26.29 -0.78
CA PHE A 152 -8.33 -26.10 -1.16
C PHE A 152 -7.65 -25.02 -0.34
N LEU A 153 -8.32 -23.88 -0.15
CA LEU A 153 -7.75 -22.78 0.63
C LEU A 153 -7.62 -23.18 2.10
N ALA A 154 -8.52 -24.05 2.55
CA ALA A 154 -8.52 -24.54 3.93
C ALA A 154 -7.43 -25.60 4.21
N THR A 155 -6.70 -26.04 3.19
CA THR A 155 -5.53 -26.90 3.36
C THR A 155 -4.61 -26.31 4.42
N PRO A 156 -4.36 -27.08 5.51
CA PRO A 156 -3.54 -26.69 6.67
C PRO A 156 -2.26 -25.89 6.34
N GLU A 157 -1.55 -26.25 5.28
CA GLU A 157 -0.33 -25.57 4.85
C GLU A 157 -0.59 -24.20 4.16
N LEU A 158 -1.83 -23.97 3.75
CA LEU A 158 -2.23 -22.73 3.09
C LEU A 158 -3.02 -21.85 4.07
N SER A 159 -4.20 -22.32 4.49
CA SER A 159 -5.04 -21.59 5.46
C SER A 159 -5.30 -20.16 4.99
N ILE A 160 -5.56 -20.03 3.69
CA ILE A 160 -5.77 -18.73 3.11
C ILE A 160 -7.22 -18.33 3.38
N ILE A 161 -7.37 -17.20 4.05
CA ILE A 161 -8.66 -16.51 4.04
C ILE A 161 -8.70 -15.53 2.83
N HIS A 162 -9.65 -15.72 1.92
CA HIS A 162 -9.78 -14.83 0.74
C HIS A 162 -10.06 -13.42 1.15
N CYS A 163 -11.10 -13.21 1.95
CA CYS A 163 -11.42 -11.91 2.57
C CYS A 163 -12.19 -10.93 1.67
N ASP A 164 -12.52 -11.35 0.46
CA ASP A 164 -13.30 -10.47 -0.42
C ASP A 164 -14.04 -11.23 -1.53
N LEU A 165 -14.79 -12.25 -1.14
CA LEU A 165 -15.55 -13.02 -2.09
C LEU A 165 -16.82 -12.25 -2.40
N LYS A 166 -17.12 -12.17 -3.70
CA LYS A 166 -18.30 -11.47 -4.24
C LYS A 166 -18.40 -11.87 -5.72
N PRO A 167 -19.56 -11.66 -6.35
CA PRO A 167 -19.72 -12.13 -7.73
C PRO A 167 -18.65 -11.63 -8.70
N GLU A 168 -18.15 -10.43 -8.50
CA GLU A 168 -17.19 -9.89 -9.46
C GLU A 168 -15.76 -10.43 -9.31
N ASN A 169 -15.53 -11.21 -8.25
CA ASN A 169 -14.26 -11.88 -7.99
C ASN A 169 -14.30 -13.40 -8.25
N ILE A 170 -15.35 -13.82 -8.91
CA ILE A 170 -15.46 -15.16 -9.43
C ILE A 170 -15.61 -15.03 -10.95
N LEU A 171 -14.66 -15.60 -11.69
CA LEU A 171 -14.65 -15.49 -13.15
C LEU A 171 -14.99 -16.77 -13.85
N LEU A 172 -15.73 -16.61 -14.93
CA LEU A 172 -15.91 -17.65 -15.91
C LEU A 172 -14.59 -17.84 -16.67
N CYS A 173 -14.27 -19.08 -17.01
CA CYS A 173 -13.17 -19.33 -17.93
C CYS A 173 -13.48 -18.85 -19.34
N ASN A 174 -14.66 -19.17 -19.87
CA ASN A 174 -15.09 -18.80 -21.24
C ASN A 174 -16.55 -18.43 -21.27
N ARG A 177 -19.43 -24.34 -21.11
CA ARG A 177 -18.76 -24.50 -19.82
C ARG A 177 -19.14 -23.46 -18.73
N SER A 178 -19.26 -23.98 -17.52
CA SER A 178 -19.66 -23.24 -16.36
C SER A 178 -18.52 -23.35 -15.39
N ALA A 179 -17.33 -23.62 -15.94
CA ALA A 179 -16.11 -23.67 -15.16
C ALA A 179 -15.89 -22.27 -14.59
N ILE A 180 -15.58 -22.20 -13.29
CA ILE A 180 -15.32 -20.93 -12.63
C ILE A 180 -14.10 -20.98 -11.74
N LYS A 181 -13.48 -19.81 -11.59
CA LYS A 181 -12.28 -19.64 -10.75
C LYS A 181 -12.36 -18.39 -9.92
N ILE A 182 -11.85 -18.52 -8.68
CA ILE A 182 -11.70 -17.40 -7.76
C ILE A 182 -10.49 -16.57 -8.16
N VAL A 183 -10.66 -15.26 -8.06
CA VAL A 183 -9.60 -14.32 -8.37
C VAL A 183 -9.48 -13.30 -7.25
N ASP A 184 -8.46 -12.46 -7.37
CA ASP A 184 -8.17 -11.34 -6.49
C ASP A 184 -7.86 -11.75 -5.06
N PHE A 185 -6.66 -12.30 -4.88
CA PHE A 185 -6.08 -12.63 -3.58
C PHE A 185 -5.34 -11.44 -2.95
N GLY A 186 -5.73 -10.23 -3.37
CA GLY A 186 -5.10 -8.98 -2.97
C GLY A 186 -5.52 -8.45 -1.61
N SER A 187 -6.63 -8.96 -1.06
CA SER A 187 -7.09 -8.62 0.31
C SER A 187 -6.83 -9.78 1.28
N SER A 188 -6.16 -10.83 0.80
CA SER A 188 -6.09 -12.12 1.48
C SER A 188 -4.99 -12.23 2.51
N CYS A 189 -5.20 -13.12 3.47
CA CYS A 189 -4.19 -13.39 4.48
C CYS A 189 -4.16 -14.87 4.83
N GLN A 190 -3.14 -15.28 5.59
CA GLN A 190 -3.12 -16.61 6.20
C GLN A 190 -3.62 -16.56 7.62
N LEU A 191 -4.31 -17.62 8.05
CA LEU A 191 -4.72 -17.79 9.44
C LEU A 191 -3.51 -17.67 10.38
N GLY A 192 -3.72 -16.99 11.51
CA GLY A 192 -2.66 -16.76 12.49
C GLY A 192 -2.00 -15.40 12.35
N GLN A 193 -2.20 -14.75 11.20
CA GLN A 193 -1.75 -13.37 11.01
C GLN A 193 -2.80 -12.43 11.57
N ARG A 194 -2.36 -11.27 12.03
CA ARG A 194 -3.17 -10.42 12.89
C ARG A 194 -4.41 -9.78 12.25
N ILE A 195 -5.22 -9.16 13.10
CA ILE A 195 -6.57 -8.70 12.76
C ILE A 195 -6.60 -7.37 11.97
N TYR A 196 -7.52 -7.32 11.00
CA TYR A 196 -7.91 -6.10 10.30
C TYR A 196 -9.41 -6.04 10.48
N GLN A 197 -9.93 -4.89 10.92
CA GLN A 197 -11.34 -4.86 11.31
C GLN A 197 -12.36 -4.52 10.21
N PTR A 198 -11.95 -3.77 9.19
CA PTR A 198 -12.87 -3.38 8.12
C PTR A 198 -12.52 -4.10 6.84
O PTR A 198 -11.80 -3.57 5.99
CB PTR A 198 -12.71 -1.87 7.95
CG PTR A 198 -13.80 -1.22 7.13
CD1 PTR A 198 -15.13 -1.17 7.60
CD2 PTR A 198 -13.46 -0.66 5.90
CE1 PTR A 198 -16.10 -0.55 6.81
CE2 PTR A 198 -14.44 -0.05 5.11
CZ PTR A 198 -15.75 0.00 5.57
OH PTR A 198 -16.69 0.64 4.79
P PTR A 198 -17.80 0.00 3.84
O1P PTR A 198 -18.78 -0.61 4.81
O2P PTR A 198 -17.04 -0.98 2.99
O3P PTR A 198 -18.37 1.19 3.09
N ILE A 199 -13.01 -5.34 6.71
CA ILE A 199 -12.66 -6.21 5.58
C ILE A 199 -13.92 -6.80 4.99
N GLN A 200 -13.79 -7.36 3.79
CA GLN A 200 -14.91 -7.92 3.04
C GLN A 200 -15.72 -6.78 2.41
N SER A 201 -16.31 -7.03 1.25
CA SER A 201 -17.22 -6.05 0.68
C SER A 201 -18.52 -6.12 1.48
N ARG A 202 -19.17 -4.97 1.64
CA ARG A 202 -20.22 -4.81 2.63
C ARG A 202 -21.37 -5.82 2.54
N PHE A 203 -21.85 -6.13 1.31
CA PHE A 203 -22.98 -7.06 1.16
C PHE A 203 -22.60 -8.48 1.61
N TYR A 204 -21.30 -8.77 1.69
CA TYR A 204 -20.78 -10.12 1.88
C TYR A 204 -19.95 -10.23 3.16
N ARG A 205 -20.13 -9.24 4.03
CA ARG A 205 -19.38 -9.10 5.28
C ARG A 205 -19.98 -9.99 6.38
N SER A 206 -19.17 -10.89 6.92
CA SER A 206 -19.64 -11.78 7.98
C SER A 206 -20.03 -10.99 9.22
N PRO A 207 -21.01 -11.51 9.98
CA PRO A 207 -21.34 -10.89 11.26
C PRO A 207 -20.16 -10.75 12.22
N GLU A 208 -19.17 -11.65 12.20
CA GLU A 208 -18.03 -11.48 13.14
C GLU A 208 -17.17 -10.26 12.80
N VAL A 209 -16.95 -10.05 11.51
CA VAL A 209 -16.25 -8.86 11.05
C VAL A 209 -17.11 -7.60 11.34
N LEU A 210 -18.43 -7.69 11.12
CA LEU A 210 -19.32 -6.57 11.49
C LEU A 210 -19.22 -6.22 12.98
N LEU A 211 -19.10 -7.26 13.81
CA LEU A 211 -19.06 -7.15 15.26
C LEU A 211 -17.69 -6.87 15.85
N GLY A 212 -16.71 -6.59 15.00
CA GLY A 212 -15.33 -6.36 15.45
C GLY A 212 -14.67 -7.54 16.16
N MET A 213 -15.07 -8.76 15.81
CA MET A 213 -14.63 -9.99 16.49
C MET A 213 -13.49 -10.68 15.74
N PRO A 214 -12.79 -11.64 16.39
CA PRO A 214 -11.74 -12.36 15.65
C PRO A 214 -12.37 -13.33 14.64
N TYR A 215 -11.73 -13.45 13.48
CA TYR A 215 -12.29 -14.23 12.41
C TYR A 215 -11.31 -15.27 11.89
N ASP A 216 -11.84 -16.24 11.14
CA ASP A 216 -11.02 -17.22 10.45
C ASP A 216 -11.56 -17.49 9.05
N LEU A 217 -11.36 -18.71 8.58
CA LEU A 217 -11.78 -19.09 7.24
C LEU A 217 -13.30 -19.07 6.97
N ALA A 218 -14.11 -19.05 8.04
CA ALA A 218 -15.57 -19.13 7.94
C ALA A 218 -16.18 -17.89 7.34
N ILE A 219 -15.46 -16.78 7.38
CA ILE A 219 -15.96 -15.53 6.77
C ILE A 219 -16.15 -15.71 5.28
N ASP A 220 -15.32 -16.56 4.67
CA ASP A 220 -15.44 -16.86 3.24
C ASP A 220 -16.71 -17.64 2.94
N MET A 221 -16.98 -18.63 3.81
CA MET A 221 -18.21 -19.42 3.71
C MET A 221 -19.47 -18.57 3.87
N TRP A 222 -19.42 -17.56 4.73
CA TRP A 222 -20.53 -16.64 4.85
C TRP A 222 -20.76 -15.89 3.56
N SER A 223 -19.68 -15.38 2.96
CA SER A 223 -19.78 -14.64 1.71
C SER A 223 -20.36 -15.58 0.67
N LEU A 224 -19.88 -16.83 0.66
CA LEU A 224 -20.36 -17.83 -0.27
C LEU A 224 -21.85 -18.00 -0.23
N GLY A 225 -22.39 -18.24 0.97
CA GLY A 225 -23.83 -18.31 1.16
C GLY A 225 -24.57 -17.11 0.56
N CYS A 226 -24.08 -15.90 0.83
CA CYS A 226 -24.73 -14.66 0.31
C CYS A 226 -24.70 -14.67 -1.20
N ILE A 227 -23.56 -15.09 -1.76
CA ILE A 227 -23.33 -15.21 -3.19
C ILE A 227 -24.31 -16.15 -3.91
N LEU A 228 -24.51 -17.32 -3.34
CA LEU A 228 -25.31 -18.35 -4.01
C LEU A 228 -26.79 -17.96 -4.15
N VAL A 229 -27.35 -17.37 -3.11
CA VAL A 229 -28.71 -16.83 -3.11
C VAL A 229 -28.81 -15.73 -4.20
N GLU A 230 -27.82 -14.85 -4.24
CA GLU A 230 -27.74 -13.78 -5.25
C GLU A 230 -27.69 -14.30 -6.70
N MET A 231 -26.92 -15.36 -6.92
CA MET A 231 -26.79 -15.99 -8.24
C MET A 231 -28.10 -16.56 -8.76
N HIS A 232 -28.98 -16.94 -7.84
CA HIS A 232 -30.26 -17.51 -8.21
C HIS A 232 -31.41 -16.52 -8.25
N THR A 233 -31.38 -15.49 -7.42
CA THR A 233 -32.48 -14.52 -7.34
C THR A 233 -32.25 -13.36 -8.30
N GLY A 234 -30.96 -13.06 -8.54
CA GLY A 234 -30.52 -11.95 -9.35
C GLY A 234 -30.07 -10.75 -8.53
N GLU A 235 -30.40 -10.75 -7.25
CA GLU A 235 -30.08 -9.59 -6.42
C GLU A 235 -29.42 -9.96 -5.09
N PRO A 236 -28.70 -9.00 -4.48
CA PRO A 236 -28.06 -9.25 -3.18
C PRO A 236 -29.05 -9.61 -2.11
N LEU A 237 -28.68 -10.63 -1.34
CA LEU A 237 -29.47 -11.06 -0.20
C LEU A 237 -29.54 -9.97 0.88
N PHE A 238 -28.38 -9.39 1.22
CA PHE A 238 -28.31 -8.35 2.25
C PHE A 238 -27.63 -7.10 1.68
N SER A 239 -28.42 -6.21 1.06
CA SER A 239 -27.89 -5.01 0.39
C SER A 239 -27.82 -3.78 1.30
N GLY A 240 -26.85 -3.77 2.21
CA GLY A 240 -26.71 -2.70 3.20
C GLY A 240 -26.13 -1.41 2.66
N ALA A 241 -26.75 -0.30 3.05
CA ALA A 241 -26.32 1.06 2.67
C ALA A 241 -25.13 1.51 3.51
N ASN A 242 -24.99 0.90 4.69
CA ASN A 242 -23.88 1.11 5.63
C ASN A 242 -23.86 -0.09 6.59
N GLU A 243 -23.00 -0.05 7.62
CA GLU A 243 -22.86 -1.20 8.53
C GLU A 243 -24.09 -1.48 9.38
N VAL A 244 -24.73 -0.43 9.90
CA VAL A 244 -25.95 -0.57 10.69
C VAL A 244 -27.06 -1.25 9.85
N ASP A 245 -27.33 -0.68 8.68
CA ASP A 245 -28.32 -1.24 7.76
C ASP A 245 -27.99 -2.70 7.36
N GLN A 246 -26.70 -2.96 7.15
CA GLN A 246 -26.22 -4.31 6.82
C GLN A 246 -26.56 -5.34 7.90
N MET A 247 -26.22 -5.05 9.16
CA MET A 247 -26.48 -5.98 10.27
C MET A 247 -27.98 -6.15 10.41
N ASN A 248 -28.72 -5.05 10.23
CA ASN A 248 -30.17 -5.11 10.31
C ASN A 248 -30.86 -5.98 9.25
N LYS A 249 -30.35 -5.97 8.02
CA LYS A 249 -30.88 -6.83 6.98
C LYS A 249 -30.53 -8.31 7.23
N ILE A 250 -29.35 -8.57 7.77
CA ILE A 250 -29.02 -9.91 8.28
C ILE A 250 -30.05 -10.34 9.34
N VAL A 251 -30.30 -9.49 10.33
CA VAL A 251 -31.21 -9.82 11.42
C VAL A 251 -32.63 -10.09 10.95
N GLU A 252 -33.11 -9.34 9.94
CA GLU A 252 -34.40 -9.61 9.28
C GLU A 252 -34.58 -11.08 8.87
N VAL A 253 -33.54 -11.64 8.26
CA VAL A 253 -33.60 -12.99 7.74
C VAL A 253 -33.33 -14.01 8.87
N LEU A 254 -32.28 -13.74 9.65
CA LEU A 254 -31.70 -14.75 10.54
C LEU A 254 -31.93 -14.56 12.05
N GLY A 255 -32.59 -13.47 12.44
CA GLY A 255 -32.88 -13.21 13.85
C GLY A 255 -31.74 -12.54 14.58
N ILE A 256 -31.89 -12.44 15.91
CA ILE A 256 -30.88 -11.86 16.80
C ILE A 256 -29.75 -12.88 16.98
N PRO A 257 -28.48 -12.43 16.93
CA PRO A 257 -27.35 -13.36 17.07
C PRO A 257 -27.20 -13.93 18.49
N PRO A 258 -26.63 -15.16 18.62
CA PRO A 258 -26.46 -15.78 19.93
C PRO A 258 -25.91 -14.82 21.00
N ALA A 259 -26.46 -14.91 22.21
CA ALA A 259 -25.99 -14.10 23.34
C ALA A 259 -24.50 -14.29 23.62
N HIS A 260 -23.97 -15.49 23.40
CA HIS A 260 -22.55 -15.76 23.71
C HIS A 260 -21.64 -15.02 22.76
N ILE A 261 -22.16 -14.72 21.57
CA ILE A 261 -21.45 -13.87 20.60
C ILE A 261 -21.57 -12.39 21.00
N LEU A 262 -22.79 -11.88 21.15
CA LEU A 262 -22.99 -10.48 21.47
C LEU A 262 -22.42 -10.04 22.85
N ASP A 263 -22.47 -10.92 23.86
CA ASP A 263 -21.88 -10.63 25.18
C ASP A 263 -20.37 -10.36 25.10
N GLN A 264 -19.78 -10.71 23.96
CA GLN A 264 -18.34 -10.81 23.76
C GLN A 264 -17.82 -9.82 22.70
N ALA A 265 -18.74 -9.25 21.91
CA ALA A 265 -18.42 -8.47 20.69
C ALA A 265 -18.03 -7.00 20.95
N PRO A 266 -16.77 -6.64 20.66
CA PRO A 266 -16.36 -5.23 20.83
C PRO A 266 -17.30 -4.19 20.18
N LYS A 267 -18.13 -4.59 19.22
CA LYS A 267 -19.00 -3.62 18.52
C LYS A 267 -20.48 -3.96 18.64
N ALA A 268 -20.83 -4.84 19.57
CA ALA A 268 -22.22 -5.19 19.82
C ALA A 268 -23.13 -3.96 19.95
N ARG A 269 -22.63 -2.95 20.66
CA ARG A 269 -23.44 -1.79 21.02
C ARG A 269 -23.66 -0.81 19.85
N LYS A 270 -22.98 -1.05 18.73
CA LYS A 270 -23.24 -0.31 17.49
C LYS A 270 -24.61 -0.67 16.89
N PHE A 271 -25.03 -1.94 17.05
CA PHE A 271 -26.27 -2.44 16.46
C PHE A 271 -27.33 -2.89 17.47
N PHE A 272 -26.88 -3.36 18.63
CA PHE A 272 -27.80 -4.00 19.58
C PHE A 272 -27.79 -3.33 20.97
N GLU A 273 -28.88 -3.48 21.72
CA GLU A 273 -28.86 -3.16 23.15
C GLU A 273 -29.29 -4.33 24.01
N LYS A 274 -28.62 -4.48 25.16
CA LYS A 274 -29.00 -5.46 26.17
C LYS A 274 -30.19 -4.88 26.95
N LEU A 275 -31.33 -5.58 26.91
CA LEU A 275 -32.55 -5.19 27.64
C LEU A 275 -32.46 -5.61 29.13
N PRO A 276 -33.32 -5.03 30.00
CA PRO A 276 -33.25 -5.28 31.45
C PRO A 276 -33.20 -6.75 31.92
N ASP A 277 -33.83 -7.65 31.17
CA ASP A 277 -33.80 -9.09 31.47
C ASP A 277 -32.53 -9.80 30.97
N GLY A 278 -31.58 -9.03 30.44
CA GLY A 278 -30.31 -9.57 29.94
C GLY A 278 -30.31 -10.03 28.48
N THR A 279 -31.49 -10.07 27.85
CA THR A 279 -31.57 -10.46 26.42
C THR A 279 -31.15 -9.29 25.53
N TRP A 280 -30.84 -9.58 24.26
CA TRP A 280 -30.47 -8.56 23.28
C TRP A 280 -31.57 -8.30 22.29
N ASN A 281 -31.58 -7.07 21.75
CA ASN A 281 -32.51 -6.66 20.72
C ASN A 281 -31.85 -5.54 19.93
N LEU A 282 -32.44 -5.12 18.82
CA LEU A 282 -31.93 -4.01 18.01
C LEU A 282 -32.14 -2.66 18.71
N LYS A 283 -31.37 -1.65 18.34
CA LYS A 283 -31.40 -0.34 19.03
C LYS A 283 -32.66 0.47 18.78
N GLU A 291 -37.13 1.07 10.68
CA GLU A 291 -38.14 0.03 10.88
C GLU A 291 -37.87 -1.18 9.99
N TYR A 292 -37.44 -2.28 10.61
CA TYR A 292 -37.19 -3.54 9.91
C TYR A 292 -38.20 -4.59 10.33
N LYS A 293 -38.41 -5.59 9.48
CA LYS A 293 -39.17 -6.77 9.87
C LYS A 293 -38.57 -7.37 11.17
N PRO A 294 -39.43 -7.87 12.08
CA PRO A 294 -38.85 -8.41 13.34
C PRO A 294 -37.78 -9.49 13.12
N PRO A 295 -36.80 -9.62 14.04
CA PRO A 295 -35.78 -10.66 13.90
C PRO A 295 -36.34 -12.02 13.43
N GLY A 296 -35.81 -12.50 12.31
CA GLY A 296 -36.15 -13.83 11.78
C GLY A 296 -37.40 -13.94 10.93
N THR A 297 -37.96 -12.81 10.51
CA THR A 297 -39.26 -12.83 9.83
C THR A 297 -39.26 -12.79 8.31
N ARG A 298 -38.24 -12.17 7.70
CA ARG A 298 -38.04 -12.26 6.24
C ARG A 298 -37.38 -13.61 5.92
N LYS A 299 -38.20 -14.64 5.73
CA LYS A 299 -37.71 -16.00 5.67
C LYS A 299 -37.01 -16.29 4.36
N LEU A 300 -35.88 -16.98 4.44
CA LEU A 300 -35.16 -17.39 3.23
C LEU A 300 -36.09 -18.25 2.38
N HIS A 301 -36.82 -19.13 3.05
CA HIS A 301 -37.91 -19.92 2.49
C HIS A 301 -38.75 -19.19 1.45
N ASN A 302 -39.05 -17.92 1.72
CA ASN A 302 -39.86 -17.08 0.82
C ASN A 302 -39.06 -16.36 -0.24
N ILE A 303 -37.88 -15.83 0.14
CA ILE A 303 -36.94 -15.17 -0.77
C ILE A 303 -36.59 -16.12 -1.92
N LEU A 304 -36.47 -17.41 -1.60
CA LEU A 304 -36.13 -18.43 -2.59
C LEU A 304 -37.35 -18.90 -3.37
N GLY A 305 -38.53 -18.71 -2.77
CA GLY A 305 -39.81 -19.18 -3.32
C GLY A 305 -39.92 -20.70 -3.32
N VAL A 306 -39.33 -21.33 -2.29
CA VAL A 306 -39.33 -22.79 -2.11
C VAL A 306 -40.63 -23.46 -2.59
N GLU A 307 -41.76 -22.91 -2.17
CA GLU A 307 -43.09 -23.49 -2.46
C GLU A 307 -43.85 -22.82 -3.60
N THR A 308 -43.37 -21.67 -4.09
CA THR A 308 -44.09 -20.87 -5.09
C THR A 308 -43.41 -20.89 -6.49
N GLY A 309 -42.70 -21.97 -6.79
CA GLY A 309 -41.95 -22.08 -8.04
C GLY A 309 -40.73 -21.16 -8.16
N GLY A 310 -39.89 -21.14 -7.12
CA GLY A 310 -38.64 -20.39 -7.14
C GLY A 310 -38.81 -18.88 -7.13
N PRO A 311 -37.70 -18.12 -7.17
CA PRO A 311 -37.80 -16.66 -7.08
C PRO A 311 -38.54 -16.12 -8.29
N GLY A 312 -39.31 -15.05 -8.10
CA GLY A 312 -40.21 -14.52 -9.12
C GLY A 312 -41.30 -15.48 -9.61
N GLY A 313 -41.26 -16.73 -9.13
CA GLY A 313 -42.12 -17.79 -9.65
C GLY A 313 -41.68 -18.30 -11.03
N ARG A 314 -40.46 -17.95 -11.44
CA ARG A 314 -39.98 -18.12 -12.82
C ARG A 314 -39.41 -19.50 -13.13
N ARG A 315 -39.58 -20.45 -12.20
CA ARG A 315 -38.94 -21.76 -12.34
C ARG A 315 -39.90 -22.92 -12.10
N ALA A 316 -41.21 -22.61 -12.04
CA ALA A 316 -42.25 -23.62 -11.86
C ALA A 316 -42.16 -24.74 -12.90
N GLY A 317 -42.08 -25.98 -12.41
CA GLY A 317 -42.03 -27.19 -13.24
C GLY A 317 -40.76 -27.49 -14.04
N GLU A 318 -39.81 -26.55 -14.03
CA GLU A 318 -38.48 -26.76 -14.59
C GLU A 318 -37.79 -27.88 -13.81
N SER A 319 -37.09 -28.78 -14.51
CA SER A 319 -36.36 -29.85 -13.85
C SER A 319 -35.35 -29.30 -12.85
N GLY A 320 -35.09 -30.07 -11.80
CA GLY A 320 -34.13 -29.70 -10.78
C GLY A 320 -34.61 -28.57 -9.89
N HIS A 321 -35.87 -28.16 -10.05
CA HIS A 321 -36.47 -27.03 -9.32
C HIS A 321 -37.71 -27.42 -8.56
N THR A 322 -37.71 -28.64 -8.01
CA THR A 322 -38.85 -29.12 -7.21
C THR A 322 -38.80 -28.49 -5.83
N VAL A 323 -39.91 -28.57 -5.09
CA VAL A 323 -39.93 -28.20 -3.67
C VAL A 323 -38.78 -28.90 -2.87
N ALA A 324 -38.55 -30.19 -3.12
CA ALA A 324 -37.46 -30.92 -2.44
C ALA A 324 -36.05 -30.42 -2.78
N ASP A 325 -35.85 -29.92 -3.99
CA ASP A 325 -34.57 -29.37 -4.40
C ASP A 325 -34.28 -28.04 -3.69
N TYR A 326 -35.30 -27.17 -3.68
CA TYR A 326 -35.26 -25.89 -2.97
C TYR A 326 -35.05 -26.00 -1.46
N LEU A 327 -35.62 -27.02 -0.84
CA LEU A 327 -35.44 -27.23 0.59
C LEU A 327 -34.01 -27.59 0.92
N LYS A 328 -33.43 -28.50 0.12
CA LYS A 328 -32.02 -28.88 0.22
C LYS A 328 -31.10 -27.69 0.02
N PHE A 329 -31.44 -26.80 -0.93
CA PHE A 329 -30.68 -25.58 -1.15
C PHE A 329 -30.80 -24.62 0.03
N LYS A 330 -32.04 -24.43 0.52
CA LYS A 330 -32.29 -23.61 1.70
C LYS A 330 -31.50 -24.12 2.89
N ASP A 331 -31.49 -25.44 3.08
CA ASP A 331 -30.74 -26.03 4.21
C ASP A 331 -29.25 -25.72 4.10
N LEU A 332 -28.66 -25.93 2.92
CA LEU A 332 -27.22 -25.62 2.71
C LEU A 332 -26.86 -24.16 3.01
N ILE A 333 -27.64 -23.22 2.49
CA ILE A 333 -27.41 -21.79 2.75
C ILE A 333 -27.44 -21.45 4.24
N LEU A 334 -28.46 -21.92 4.97
CA LEU A 334 -28.59 -21.62 6.41
C LEU A 334 -27.42 -22.17 7.24
N ARG A 335 -26.83 -23.27 6.78
CA ARG A 335 -25.62 -23.80 7.38
C ARG A 335 -24.46 -22.88 7.04
N MET A 336 -24.50 -22.25 5.86
CA MET A 336 -23.47 -21.27 5.48
C MET A 336 -23.63 -19.94 6.22
N LEU A 337 -24.87 -19.60 6.54
CA LEU A 337 -25.22 -18.34 7.21
C LEU A 337 -25.37 -18.47 8.73
N ASP A 338 -24.81 -19.54 9.29
CA ASP A 338 -24.81 -19.72 10.75
C ASP A 338 -24.02 -18.57 11.36
N TYR A 339 -24.64 -17.87 12.32
CA TYR A 339 -23.95 -16.84 13.10
C TYR A 339 -22.66 -17.31 13.80
N ASP A 340 -22.64 -18.54 14.28
CA ASP A 340 -21.46 -19.05 15.01
C ASP A 340 -20.41 -19.53 14.01
N PRO A 341 -19.24 -18.87 13.99
CA PRO A 341 -18.22 -19.30 13.04
C PRO A 341 -17.64 -20.70 13.37
N LYS A 342 -17.74 -21.14 14.64
CA LYS A 342 -17.30 -22.49 14.99
C LYS A 342 -18.25 -23.55 14.44
N THR A 343 -19.54 -23.21 14.28
CA THR A 343 -20.51 -24.22 13.86
C THR A 343 -20.97 -24.10 12.40
N ARG A 344 -20.74 -22.94 11.77
CA ARG A 344 -21.01 -22.69 10.35
C ARG A 344 -20.43 -23.80 9.49
N ILE A 345 -21.18 -24.25 8.48
CA ILE A 345 -20.72 -25.38 7.66
C ILE A 345 -19.33 -25.12 7.05
N GLN A 346 -18.49 -26.16 7.13
CA GLN A 346 -17.15 -26.12 6.59
C GLN A 346 -17.05 -26.77 5.21
N PRO A 347 -16.02 -26.39 4.41
CA PRO A 347 -16.00 -26.79 3.00
C PRO A 347 -16.15 -28.29 2.76
N TYR A 348 -15.46 -29.12 3.55
CA TYR A 348 -15.47 -30.57 3.30
C TYR A 348 -16.89 -31.10 3.40
N TYR A 349 -17.60 -30.65 4.43
CA TYR A 349 -18.96 -31.12 4.68
C TYR A 349 -20.01 -30.45 3.80
N ALA A 350 -19.73 -29.25 3.29
CA ALA A 350 -20.64 -28.60 2.38
C ALA A 350 -20.74 -29.43 1.11
N LEU A 351 -19.63 -30.06 0.74
CA LEU A 351 -19.57 -30.95 -0.42
C LEU A 351 -20.32 -32.27 -0.23
N GLN A 352 -20.44 -32.73 1.03
CA GLN A 352 -21.25 -33.91 1.40
C GLN A 352 -22.77 -33.66 1.33
N HIS A 353 -23.19 -32.40 1.33
CA HIS A 353 -24.60 -32.02 1.52
C HIS A 353 -25.48 -32.56 0.42
N SER A 354 -26.74 -32.83 0.73
CA SER A 354 -27.64 -33.50 -0.24
C SER A 354 -28.06 -32.60 -1.40
N PHE A 355 -27.82 -31.30 -1.30
CA PHE A 355 -27.99 -30.43 -2.46
C PHE A 355 -27.12 -30.94 -3.63
N PHE A 356 -25.99 -31.58 -3.32
CA PHE A 356 -25.06 -32.02 -4.39
C PHE A 356 -25.27 -33.45 -4.86
N LYS A 357 -25.99 -34.25 -4.08
CA LYS A 357 -26.06 -35.72 -4.27
C LYS A 357 -26.92 -36.10 -5.46
N VAL B 12 -21.51 5.99 -0.81
CA VAL B 12 -21.33 5.98 0.69
C VAL B 12 -20.21 5.00 1.14
N TYR B 13 -19.20 5.53 1.80
CA TYR B 13 -18.00 4.77 2.18
C TYR B 13 -17.76 4.84 3.67
N ASN B 14 -17.44 3.70 4.27
CA ASN B 14 -17.13 3.67 5.71
C ASN B 14 -18.20 4.40 6.52
N ASP B 15 -19.45 4.17 6.14
CA ASP B 15 -20.64 4.79 6.76
C ASP B 15 -20.70 6.30 6.53
N GLY B 16 -20.14 6.78 5.42
CA GLY B 16 -20.14 8.20 5.10
C GLY B 16 -18.91 8.98 5.52
N TYR B 17 -18.04 8.35 6.31
CA TYR B 17 -16.86 9.05 6.87
C TYR B 17 -15.72 9.23 5.88
N ASP B 18 -15.68 8.40 4.84
CA ASP B 18 -14.64 8.50 3.80
C ASP B 18 -15.13 9.12 2.50
N ASP B 19 -14.21 9.74 1.77
CA ASP B 19 -14.46 10.11 0.39
C ASP B 19 -14.18 8.89 -0.51
N ASP B 20 -14.25 9.07 -1.84
CA ASP B 20 -14.02 7.98 -2.79
C ASP B 20 -12.54 7.57 -2.86
N ASN B 21 -11.67 8.34 -2.21
CA ASN B 21 -10.24 8.14 -2.24
C ASN B 21 -9.68 7.43 -0.99
N TYR B 22 -10.59 6.83 -0.21
CA TYR B 22 -10.31 6.20 1.11
C TYR B 22 -9.87 7.15 2.24
N ASP B 23 -9.79 8.44 1.92
CA ASP B 23 -9.51 9.50 2.91
C ASP B 23 -10.70 9.73 3.84
N TYR B 24 -10.40 9.90 5.14
CA TYR B 24 -11.36 10.42 6.11
C TYR B 24 -11.73 11.85 5.70
N ILE B 25 -13.02 12.18 5.71
CA ILE B 25 -13.46 13.53 5.34
C ILE B 25 -13.29 14.46 6.54
N VAL B 26 -12.27 15.30 6.48
CA VAL B 26 -11.92 16.18 7.60
C VAL B 26 -12.94 17.31 7.72
N LYS B 27 -13.48 17.43 8.92
CA LYS B 27 -14.36 18.53 9.32
C LYS B 27 -13.65 19.31 10.43
N ASN B 28 -13.59 20.64 10.26
CA ASN B 28 -13.03 21.54 11.30
C ASN B 28 -13.88 21.54 12.57
N GLY B 29 -13.21 21.52 13.71
CA GLY B 29 -13.86 21.53 15.00
C GLY B 29 -14.44 20.21 15.50
N GLU B 30 -14.25 19.14 14.75
CA GLU B 30 -14.76 17.84 15.21
C GLU B 30 -13.97 17.37 16.42
N LYS B 31 -14.62 16.61 17.30
CA LYS B 31 -13.95 16.04 18.47
C LYS B 31 -13.96 14.53 18.35
N TRP B 32 -12.80 13.92 18.51
CA TRP B 32 -12.70 12.47 18.50
C TRP B 32 -12.51 11.95 19.89
N MET B 33 -13.31 10.96 20.25
CA MET B 33 -13.16 10.20 21.50
C MET B 33 -13.07 11.11 22.72
N ASP B 34 -13.84 12.20 22.67
CA ASP B 34 -13.84 13.24 23.71
C ASP B 34 -12.38 13.61 24.10
N ARG B 35 -11.47 13.59 23.12
CA ARG B 35 -10.05 13.90 23.34
C ARG B 35 -9.41 14.87 22.34
N TYR B 36 -9.48 14.55 21.05
CA TYR B 36 -8.86 15.40 20.05
C TYR B 36 -9.88 16.35 19.45
N GLU B 37 -9.47 17.61 19.32
CA GLU B 37 -10.25 18.60 18.64
C GLU B 37 -9.53 18.93 17.35
N ILE B 38 -10.14 18.55 16.24
CA ILE B 38 -9.52 18.74 14.93
C ILE B 38 -9.67 20.19 14.55
N ASP B 39 -8.51 20.85 14.38
CA ASP B 39 -8.48 22.23 13.91
C ASP B 39 -8.71 22.27 12.38
N SER B 40 -7.75 21.74 11.62
CA SER B 40 -7.81 21.85 10.16
C SER B 40 -6.88 20.86 9.45
N LEU B 41 -7.13 20.70 8.16
CA LEU B 41 -6.24 19.99 7.25
C LEU B 41 -5.01 20.84 6.92
N ILE B 42 -3.82 20.27 7.15
CA ILE B 42 -2.58 20.97 6.83
C ILE B 42 -1.74 20.25 5.78
N GLY B 43 -2.32 19.27 5.11
CA GLY B 43 -1.62 18.54 4.05
C GLY B 43 -2.20 17.21 3.58
N LYS B 44 -2.08 16.97 2.26
CA LYS B 44 -2.43 15.68 1.67
C LYS B 44 -1.19 14.96 1.12
N GLY B 45 -1.20 13.63 1.22
CA GLY B 45 -0.24 12.78 0.52
C GLY B 45 -0.88 11.50 0.02
N SER B 46 -0.07 10.67 -0.60
CA SER B 46 -0.52 9.35 -1.08
C SER B 46 -1.03 8.46 0.06
N PHE B 47 -0.38 8.54 1.22
CA PHE B 47 -0.73 7.75 2.42
C PHE B 47 -2.08 8.17 3.02
N GLY B 48 -2.45 9.43 2.82
CA GLY B 48 -3.60 10.03 3.49
C GLY B 48 -3.39 11.51 3.76
N GLN B 49 -3.58 11.90 5.02
CA GLN B 49 -3.69 13.30 5.38
C GLN B 49 -3.06 13.57 6.73
N VAL B 50 -2.74 14.85 6.95
CA VAL B 50 -2.23 15.34 8.20
C VAL B 50 -3.09 16.50 8.66
N VAL B 51 -3.59 16.39 9.88
CA VAL B 51 -4.36 17.44 10.51
C VAL B 51 -3.65 18.03 11.73
N LYS B 52 -3.97 19.30 11.96
CA LYS B 52 -3.66 20.03 13.19
C LYS B 52 -4.76 19.74 14.24
N ALA B 53 -4.36 19.31 15.43
CA ALA B 53 -5.35 18.93 16.44
C ALA B 53 -4.93 19.33 17.84
N TYR B 54 -5.92 19.54 18.70
CA TYR B 54 -5.65 19.82 20.09
C TYR B 54 -6.00 18.60 20.93
N ASP B 55 -4.99 18.06 21.59
CA ASP B 55 -5.15 16.91 22.46
C ASP B 55 -5.56 17.44 23.82
N ARG B 56 -6.84 17.28 24.14
CA ARG B 56 -7.38 17.80 25.39
C ARG B 56 -6.86 17.11 26.67
N VAL B 57 -6.51 15.83 26.60
CA VAL B 57 -5.89 15.16 27.76
C VAL B 57 -4.56 15.82 28.13
N GLU B 58 -3.67 15.97 27.14
CA GLU B 58 -2.32 16.53 27.36
C GLU B 58 -2.23 18.05 27.32
N GLN B 59 -3.25 18.69 26.74
CA GLN B 59 -3.29 20.14 26.54
C GLN B 59 -2.13 20.62 25.68
N GLU B 60 -2.02 20.08 24.47
CA GLU B 60 -1.07 20.55 23.48
C GLU B 60 -1.61 20.36 22.07
N TRP B 61 -1.10 21.16 21.14
CA TRP B 61 -1.35 20.92 19.73
C TRP B 61 -0.50 19.77 19.28
N VAL B 62 -1.08 18.87 18.48
CA VAL B 62 -0.35 17.77 17.86
C VAL B 62 -0.64 17.75 16.36
N ALA B 63 0.21 17.04 15.63
CA ALA B 63 -0.06 16.71 14.24
C ALA B 63 -0.47 15.24 14.20
N ILE B 64 -1.64 14.98 13.62
CA ILE B 64 -2.15 13.63 13.45
C ILE B 64 -2.13 13.25 11.97
N LYS B 65 -1.43 12.16 11.68
CA LYS B 65 -1.34 11.59 10.34
C LYS B 65 -2.45 10.55 10.21
N ILE B 66 -3.44 10.84 9.36
CA ILE B 66 -4.55 9.92 9.16
C ILE B 66 -4.30 9.09 7.91
N ILE B 67 -4.01 7.81 8.11
CA ILE B 67 -3.79 6.88 6.99
C ILE B 67 -5.11 6.53 6.26
N LYS B 68 -5.04 6.43 4.94
CA LYS B 68 -6.15 5.92 4.12
C LYS B 68 -6.74 4.63 4.66
N ASN B 69 -8.07 4.53 4.56
CA ASN B 69 -8.80 3.34 4.97
C ASN B 69 -8.73 2.33 3.82
N LYS B 70 -7.54 1.75 3.68
CA LYS B 70 -7.20 0.94 2.52
C LYS B 70 -5.98 0.11 2.88
N LYS B 71 -6.12 -1.21 2.75
CA LYS B 71 -5.19 -2.20 3.30
C LYS B 71 -3.72 -1.94 2.93
N ALA B 72 -3.49 -1.58 1.66
CA ALA B 72 -2.15 -1.26 1.18
C ALA B 72 -1.48 -0.14 2.00
N PHE B 73 -2.24 0.91 2.32
CA PHE B 73 -1.72 2.04 3.07
C PHE B 73 -1.62 1.78 4.59
N LEU B 74 -2.58 1.01 5.08
CA LEU B 74 -2.61 0.55 6.46
C LEU B 74 -1.33 -0.24 6.82
N ASN B 75 -1.00 -1.24 6.00
CA ASN B 75 0.19 -2.10 6.17
C ASN B 75 1.50 -1.34 6.13
N GLN B 76 1.59 -0.39 5.20
CA GLN B 76 2.76 0.48 5.11
C GLN B 76 2.95 1.28 6.41
N ALA B 77 1.84 1.82 6.90
CA ALA B 77 1.85 2.67 8.06
C ALA B 77 2.07 1.85 9.32
N GLN B 78 1.73 0.56 9.29
CA GLN B 78 2.07 -0.34 10.41
C GLN B 78 3.59 -0.57 10.54
N ILE B 79 4.29 -0.71 9.40
CA ILE B 79 5.76 -0.80 9.39
C ILE B 79 6.34 0.53 9.90
N GLU B 80 5.77 1.63 9.42
CA GLU B 80 6.17 2.97 9.85
C GLU B 80 6.07 3.12 11.37
N VAL B 81 4.91 2.78 11.94
CA VAL B 81 4.67 2.74 13.38
C VAL B 81 5.73 1.90 14.09
N ARG B 82 5.97 0.69 13.57
CA ARG B 82 6.93 -0.22 14.24
C ARG B 82 8.34 0.36 14.22
N LEU B 83 8.71 1.00 13.12
CA LEU B 83 10.01 1.71 13.05
C LEU B 83 10.16 2.89 14.02
N LEU B 84 9.11 3.72 14.12
CA LEU B 84 9.08 4.85 15.06
C LEU B 84 9.12 4.38 16.52
N GLU B 85 8.40 3.30 16.81
CA GLU B 85 8.39 2.71 18.16
C GLU B 85 9.74 2.06 18.48
N LEU B 86 10.41 1.48 17.47
CA LEU B 86 11.74 0.91 17.65
C LEU B 86 12.77 2.00 17.97
N MET B 87 12.71 3.11 17.21
CA MET B 87 13.60 4.27 17.42
C MET B 87 13.37 4.97 18.76
N ASN B 88 12.10 5.09 19.15
CA ASN B 88 11.70 5.63 20.44
C ASN B 88 12.11 4.71 21.63
N LYS B 89 12.15 3.40 21.42
CA LYS B 89 12.62 2.44 22.46
C LYS B 89 14.08 2.66 22.86
N HIS B 90 14.77 3.56 22.17
CA HIS B 90 16.23 3.67 22.33
C HIS B 90 16.74 4.60 23.39
N ASP B 91 17.82 4.17 24.05
CA ASP B 91 18.42 4.88 25.19
C ASP B 91 19.00 6.26 24.83
N THR B 92 19.63 6.34 23.65
CA THR B 92 20.48 7.47 23.24
C THR B 92 19.77 8.83 23.08
N GLU B 93 20.57 9.90 23.19
CA GLU B 93 20.12 11.30 23.01
C GLU B 93 19.85 11.61 21.53
N MET B 94 20.49 10.83 20.66
CA MET B 94 20.47 11.04 19.21
C MET B 94 19.09 10.85 18.62
N LYS B 95 18.25 10.07 19.30
CA LYS B 95 16.89 9.80 18.84
C LYS B 95 16.01 11.04 18.64
N TYR B 96 16.35 12.13 19.33
CA TYR B 96 15.58 13.37 19.24
C TYR B 96 15.84 14.19 17.96
N TYR B 97 16.59 13.60 17.02
CA TYR B 97 16.67 14.14 15.65
C TYR B 97 15.62 13.51 14.71
N ILE B 98 14.74 12.70 15.27
CA ILE B 98 13.72 11.98 14.54
C ILE B 98 12.42 12.45 15.16
N VAL B 99 11.43 12.79 14.32
CA VAL B 99 10.11 13.21 14.83
C VAL B 99 9.53 12.11 15.74
N HIS B 100 9.02 12.52 16.89
CA HIS B 100 8.53 11.61 17.93
C HIS B 100 7.08 11.29 17.74
N LEU B 101 6.81 9.99 17.60
CA LEU B 101 5.47 9.42 17.62
C LEU B 101 5.02 9.21 19.08
N LYS B 102 3.99 9.97 19.47
CA LYS B 102 3.44 9.98 20.82
C LYS B 102 2.55 8.78 21.07
N ARG B 103 1.64 8.52 20.14
CA ARG B 103 0.71 7.39 20.20
C ARG B 103 0.08 7.15 18.84
N HIS B 104 -0.56 5.99 18.73
CA HIS B 104 -1.32 5.63 17.55
C HIS B 104 -2.60 4.98 18.00
N PHE B 105 -3.63 5.13 17.21
CA PHE B 105 -4.91 4.51 17.49
C PHE B 105 -5.68 4.28 16.19
N MET B 106 -6.58 3.32 16.24
CA MET B 106 -7.57 3.15 15.22
C MET B 106 -8.76 4.06 15.55
N PHE B 107 -9.20 4.85 14.58
CA PHE B 107 -10.40 5.66 14.74
C PHE B 107 -11.17 5.64 13.42
N ARG B 108 -12.41 5.13 13.46
CA ARG B 108 -13.27 5.00 12.27
C ARG B 108 -12.59 4.30 11.09
N ASN B 109 -11.92 3.18 11.42
CA ASN B 109 -11.17 2.38 10.44
C ASN B 109 -9.99 3.10 9.77
N HIS B 110 -9.53 4.18 10.40
CA HIS B 110 -8.32 4.84 9.96
C HIS B 110 -7.27 4.71 11.02
N LEU B 111 -6.09 4.27 10.60
CA LEU B 111 -4.96 4.30 11.49
C LEU B 111 -4.53 5.76 11.60
N CYS B 112 -4.40 6.22 12.85
CA CYS B 112 -4.06 7.59 13.17
C CYS B 112 -2.79 7.64 14.01
N LEU B 113 -1.81 8.35 13.46
CA LEU B 113 -0.50 8.54 14.08
C LEU B 113 -0.39 9.95 14.67
N VAL B 114 -0.02 10.03 15.95
CA VAL B 114 0.02 11.28 16.71
C VAL B 114 1.48 11.68 16.93
N PHE B 115 1.81 12.82 16.33
CA PHE B 115 3.15 13.34 16.38
C PHE B 115 3.14 14.66 17.09
N GLU B 116 4.24 14.93 17.81
CA GLU B 116 4.56 16.27 18.29
C GLU B 116 4.45 17.26 17.11
N MET B 117 3.95 18.45 17.40
CA MET B 117 3.79 19.48 16.37
C MET B 117 5.15 20.11 16.10
N LEU B 118 5.67 19.87 14.91
CA LEU B 118 6.89 20.52 14.49
C LEU B 118 6.53 21.77 13.68
N SER B 119 7.56 22.55 13.36
CA SER B 119 7.40 23.78 12.60
C SER B 119 7.61 23.51 11.10
N TYR B 120 7.97 24.54 10.35
CA TYR B 120 8.11 24.39 8.90
C TYR B 120 9.41 23.64 8.44
N ASN B 121 9.39 23.16 7.20
CA ASN B 121 10.48 22.34 6.65
C ASN B 121 11.57 23.16 5.94
N LEU B 122 12.67 22.50 5.58
CA LEU B 122 13.82 23.21 5.00
C LEU B 122 13.59 23.73 3.59
N TYR B 123 12.60 23.19 2.89
CA TYR B 123 12.19 23.77 1.61
C TYR B 123 11.47 25.13 1.83
N ASP B 124 10.56 25.19 2.80
CA ASP B 124 9.92 26.45 3.22
C ASP B 124 10.98 27.49 3.59
N LEU B 125 12.07 27.02 4.22
CA LEU B 125 13.13 27.89 4.66
C LEU B 125 13.85 28.50 3.47
N LEU B 126 14.13 27.66 2.48
CA LEU B 126 14.72 28.12 1.23
C LEU B 126 13.82 29.08 0.46
N ARG B 127 12.51 28.77 0.41
CA ARG B 127 11.53 29.63 -0.27
C ARG B 127 11.55 31.02 0.34
N ASN B 128 11.68 31.08 1.66
CA ASN B 128 11.75 32.35 2.38
C ASN B 128 13.11 33.06 2.33
N THR B 129 14.13 32.41 1.73
CA THR B 129 15.38 33.08 1.34
C THR B 129 15.33 33.54 -0.14
N ASN B 130 14.12 33.45 -0.73
CA ASN B 130 13.90 33.54 -2.18
C ASN B 130 14.79 32.65 -3.04
N PHE B 131 15.08 31.46 -2.52
CA PHE B 131 16.03 30.50 -3.14
C PHE B 131 17.45 31.06 -3.34
N ARG B 132 17.89 31.85 -2.37
CA ARG B 132 19.26 32.36 -2.33
C ARG B 132 20.15 31.56 -1.39
N GLY B 133 19.54 30.73 -0.54
CA GLY B 133 20.31 29.86 0.37
C GLY B 133 20.49 30.48 1.74
N VAL B 134 20.74 29.64 2.74
CA VAL B 134 21.09 30.10 4.09
C VAL B 134 22.62 30.12 4.25
N SER B 135 23.12 30.77 5.29
CA SER B 135 24.56 30.91 5.52
C SER B 135 25.28 29.54 5.72
N LEU B 136 26.59 29.54 5.54
CA LEU B 136 27.43 28.35 5.74
C LEU B 136 27.35 27.89 7.18
N ASN B 137 27.16 28.85 8.09
CA ASN B 137 27.00 28.61 9.54
C ASN B 137 25.72 27.84 9.90
N LEU B 138 24.62 28.21 9.28
CA LEU B 138 23.36 27.52 9.47
C LEU B 138 23.40 26.15 8.79
N THR B 139 24.01 26.13 7.59
CA THR B 139 24.30 24.87 6.87
C THR B 139 25.11 23.90 7.71
N ARG B 140 26.14 24.40 8.40
CA ARG B 140 27.03 23.56 9.22
C ARG B 140 26.23 22.97 10.38
N LYS B 141 25.30 23.76 10.92
CA LYS B 141 24.44 23.31 12.02
C LYS B 141 23.41 22.26 11.57
N PHE B 142 22.73 22.51 10.45
CA PHE B 142 21.90 21.48 9.81
C PHE B 142 22.72 20.22 9.46
N ALA B 143 23.94 20.42 8.94
CA ALA B 143 24.85 19.31 8.56
C ALA B 143 25.17 18.38 9.73
N GLN B 144 25.54 18.96 10.87
CA GLN B 144 25.94 18.22 12.06
C GLN B 144 24.79 17.44 12.68
N GLN B 145 23.62 18.06 12.80
CA GLN B 145 22.45 17.37 13.30
C GLN B 145 22.03 16.21 12.41
N MET B 146 22.06 16.43 11.09
CA MET B 146 21.71 15.40 10.11
C MET B 146 22.68 14.21 10.11
N CYS B 147 23.96 14.49 10.34
CA CYS B 147 24.98 13.45 10.40
C CYS B 147 24.77 12.60 11.65
N THR B 148 24.43 13.25 12.76
CA THR B 148 24.05 12.64 14.02
C THR B 148 22.77 11.83 13.88
N ALA B 149 21.79 12.37 13.14
CA ALA B 149 20.57 11.64 12.83
C ALA B 149 20.87 10.35 12.08
N LEU B 150 21.77 10.43 11.09
CA LEU B 150 22.12 9.27 10.29
C LEU B 150 22.97 8.26 11.09
N LEU B 151 23.76 8.74 12.05
CA LEU B 151 24.52 7.84 12.94
C LEU B 151 23.53 7.05 13.79
N PHE B 152 22.47 7.72 14.21
CA PHE B 152 21.41 7.07 14.97
C PHE B 152 20.71 5.97 14.18
N LEU B 153 20.42 6.22 12.91
CA LEU B 153 19.71 5.25 12.07
C LEU B 153 20.64 4.08 11.71
N ALA B 154 21.94 4.35 11.70
CA ALA B 154 22.97 3.35 11.47
C ALA B 154 23.34 2.50 12.72
N THR B 155 22.62 2.68 13.84
CA THR B 155 22.74 1.81 15.00
C THR B 155 22.38 0.40 14.53
N PRO B 156 23.23 -0.60 14.84
CA PRO B 156 23.05 -1.99 14.40
C PRO B 156 21.62 -2.58 14.60
N GLU B 157 20.98 -2.28 15.72
CA GLU B 157 19.62 -2.80 15.99
C GLU B 157 18.52 -2.06 15.22
N LEU B 158 18.89 -0.99 14.52
CA LEU B 158 17.94 -0.29 13.68
C LEU B 158 18.31 -0.53 12.22
N SER B 159 19.46 0.00 11.80
CA SER B 159 19.90 -0.08 10.41
C SER B 159 18.82 0.44 9.44
N ILE B 160 18.23 1.58 9.77
CA ILE B 160 17.14 2.11 8.96
C ILE B 160 17.72 2.91 7.79
N ILE B 161 17.32 2.55 6.58
CA ILE B 161 17.54 3.41 5.42
C ILE B 161 16.29 4.30 5.26
N HIS B 162 16.46 5.62 5.41
CA HIS B 162 15.34 6.54 5.28
C HIS B 162 14.75 6.46 3.89
N CYS B 163 15.58 6.57 2.86
CA CYS B 163 15.16 6.33 1.47
C CYS B 163 14.49 7.49 0.76
N ASP B 164 14.26 8.61 1.46
CA ASP B 164 13.67 9.78 0.80
C ASP B 164 14.03 11.06 1.53
N LEU B 165 15.33 11.32 1.69
CA LEU B 165 15.79 12.52 2.31
C LEU B 165 15.74 13.65 1.26
N LYS B 166 15.22 14.80 1.66
CA LYS B 166 15.08 15.97 0.80
C LYS B 166 14.68 17.08 1.74
N PRO B 167 14.83 18.36 1.33
CA PRO B 167 14.55 19.48 2.21
C PRO B 167 13.15 19.48 2.80
N GLU B 168 12.12 19.10 2.04
CA GLU B 168 10.78 19.03 2.59
C GLU B 168 10.55 17.91 3.63
N ASN B 169 11.49 16.99 3.79
CA ASN B 169 11.39 15.94 4.82
C ASN B 169 12.30 16.17 6.03
N ILE B 170 12.82 17.39 6.13
CA ILE B 170 13.55 17.82 7.31
C ILE B 170 12.81 19.04 7.85
N LEU B 171 12.41 18.99 9.10
CA LEU B 171 11.63 20.08 9.71
C LEU B 171 12.32 20.72 10.88
N LEU B 172 12.09 22.01 11.05
CA LEU B 172 12.51 22.70 12.26
C LEU B 172 11.53 22.34 13.37
N CYS B 173 12.04 22.08 14.59
CA CYS B 173 11.18 21.91 15.75
C CYS B 173 10.41 23.18 16.04
N ASN B 174 11.15 24.27 16.02
CA ASN B 174 10.73 25.54 16.56
C ASN B 174 11.34 26.60 15.64
N PRO B 175 10.55 27.63 15.24
CA PRO B 175 11.05 28.70 14.35
C PRO B 175 12.16 29.58 14.95
N LYS B 176 12.41 29.44 16.25
CA LYS B 176 13.41 30.25 16.97
C LYS B 176 14.76 29.55 17.09
N ARG B 177 14.84 28.34 16.56
CA ARG B 177 16.03 27.51 16.74
C ARG B 177 16.44 26.80 15.45
N SER B 178 17.65 26.26 15.45
CA SER B 178 18.16 25.54 14.31
C SER B 178 18.03 24.04 14.52
N ALA B 179 17.33 23.65 15.59
CA ALA B 179 17.06 22.23 15.88
C ALA B 179 16.19 21.67 14.76
N ILE B 180 16.60 20.53 14.20
CA ILE B 180 15.83 19.85 13.15
C ILE B 180 15.50 18.41 13.45
N LYS B 181 14.48 17.91 12.74
CA LYS B 181 14.03 16.54 12.87
C LYS B 181 13.72 16.00 11.49
N ILE B 182 14.16 14.76 11.25
CA ILE B 182 13.81 14.01 10.04
C ILE B 182 12.39 13.48 10.17
N VAL B 183 11.59 13.66 9.11
CA VAL B 183 10.23 13.12 9.05
C VAL B 183 10.02 12.20 7.84
N ASP B 184 8.87 11.55 7.81
CA ASP B 184 8.45 10.69 6.71
C ASP B 184 9.31 9.42 6.54
N PHE B 185 9.13 8.52 7.49
CA PHE B 185 9.77 7.22 7.44
C PHE B 185 8.83 6.24 6.72
N GLY B 186 7.92 6.79 5.92
CA GLY B 186 6.96 6.00 5.14
C GLY B 186 7.49 5.17 3.98
N SER B 187 8.69 5.49 3.48
CA SER B 187 9.39 4.75 2.41
C SER B 187 10.58 3.95 2.96
N SER B 188 10.67 3.87 4.28
CA SER B 188 11.89 3.43 4.95
C SER B 188 11.97 1.93 5.13
N CYS B 189 13.18 1.40 5.11
CA CYS B 189 13.33 -0.01 5.41
C CYS B 189 14.52 -0.25 6.33
N GLN B 190 14.57 -1.43 6.93
CA GLN B 190 15.75 -1.87 7.66
C GLN B 190 16.68 -2.60 6.71
N LEU B 191 17.95 -2.71 7.07
CA LEU B 191 18.96 -3.24 6.14
C LEU B 191 18.68 -4.70 5.81
N GLY B 192 18.89 -5.06 4.55
CA GLY B 192 18.59 -6.39 4.03
C GLY B 192 17.14 -6.80 4.15
N GLN B 193 16.22 -5.85 3.91
CA GLN B 193 14.77 -6.12 3.86
C GLN B 193 14.39 -6.89 2.61
N ARG B 194 15.08 -6.54 1.53
CA ARG B 194 14.77 -6.83 0.12
C ARG B 194 15.51 -5.72 -0.61
N ILE B 195 15.37 -5.67 -1.93
CA ILE B 195 15.82 -4.52 -2.73
C ILE B 195 14.73 -4.12 -3.76
N TYR B 196 14.03 -3.02 -3.45
CA TYR B 196 13.14 -2.32 -4.39
C TYR B 196 14.08 -1.39 -5.14
N GLN B 197 13.94 -1.30 -6.45
CA GLN B 197 14.93 -0.59 -7.23
C GLN B 197 14.68 0.91 -7.47
N PTR B 198 13.43 1.31 -7.63
CA PTR B 198 13.14 2.73 -7.97
C PTR B 198 12.82 3.49 -6.71
O PTR B 198 11.67 3.51 -6.26
CB PTR B 198 11.97 2.75 -8.94
CG PTR B 198 11.68 4.08 -9.58
CD1 PTR B 198 10.47 4.72 -9.25
CD2 PTR B 198 12.56 4.68 -10.48
CE1 PTR B 198 10.14 5.95 -9.83
CE2 PTR B 198 12.24 5.89 -11.06
CZ PTR B 198 11.04 6.55 -10.73
OH PTR B 198 10.69 7.73 -11.33
P PTR B 198 11.08 9.23 -10.92
O1P PTR B 198 11.05 9.28 -9.40
O2P PTR B 198 12.45 9.35 -11.55
O3P PTR B 198 9.96 10.04 -11.55
N ILE B 199 13.81 4.14 -6.13
CA ILE B 199 13.65 4.73 -4.79
C ILE B 199 14.35 6.06 -4.71
N GLN B 200 14.01 6.84 -3.68
CA GLN B 200 14.55 8.16 -3.44
C GLN B 200 13.91 9.12 -4.46
N SER B 201 13.67 10.38 -4.06
CA SER B 201 13.27 11.45 -4.99
C SER B 201 14.44 11.70 -5.92
N ARG B 202 14.08 12.04 -7.16
CA ARG B 202 15.03 12.03 -8.26
C ARG B 202 16.28 12.88 -8.07
N PHE B 203 16.15 14.11 -7.55
CA PHE B 203 17.29 15.01 -7.41
C PHE B 203 18.30 14.48 -6.36
N TYR B 204 17.85 13.56 -5.51
CA TYR B 204 18.64 13.10 -4.35
C TYR B 204 18.93 11.62 -4.45
N ARG B 205 18.71 11.08 -5.65
CA ARG B 205 18.87 9.66 -5.94
C ARG B 205 20.34 9.34 -6.17
N SER B 206 20.86 8.38 -5.37
CA SER B 206 22.27 8.04 -5.46
C SER B 206 22.54 7.38 -6.81
N PRO B 207 23.79 7.47 -7.31
CA PRO B 207 24.17 6.74 -8.52
C PRO B 207 23.93 5.22 -8.44
N GLU B 208 24.11 4.59 -7.28
CA GLU B 208 23.93 3.13 -7.22
C GLU B 208 22.48 2.76 -7.46
N VAL B 209 21.56 3.59 -7.01
CA VAL B 209 20.14 3.33 -7.27
C VAL B 209 19.84 3.58 -8.75
N LEU B 210 20.45 4.64 -9.30
CA LEU B 210 20.31 4.95 -10.72
C LEU B 210 20.83 3.85 -11.61
N LEU B 211 21.89 3.18 -11.14
CA LEU B 211 22.58 2.15 -11.90
C LEU B 211 22.01 0.76 -11.66
N GLY B 212 21.00 0.67 -10.80
CA GLY B 212 20.28 -0.57 -10.55
C GLY B 212 21.13 -1.54 -9.74
N MET B 213 21.94 -1.00 -8.86
CA MET B 213 22.92 -1.76 -8.11
C MET B 213 22.40 -1.98 -6.69
N PRO B 214 23.04 -2.91 -5.92
CA PRO B 214 22.67 -3.09 -4.51
C PRO B 214 23.02 -1.85 -3.68
N TYR B 215 22.14 -1.46 -2.77
CA TYR B 215 22.35 -0.25 -1.98
C TYR B 215 22.15 -0.55 -0.51
N ASP B 216 22.63 0.37 0.32
CA ASP B 216 22.47 0.32 1.76
C ASP B 216 22.30 1.75 2.28
N LEU B 217 22.74 1.96 3.53
CA LEU B 217 22.59 3.24 4.24
C LEU B 217 23.32 4.42 3.61
N ALA B 218 24.38 4.13 2.83
CA ALA B 218 25.13 5.16 2.16
C ALA B 218 24.28 6.05 1.25
N ILE B 219 23.13 5.54 0.77
CA ILE B 219 22.28 6.30 -0.18
C ILE B 219 21.73 7.54 0.50
N ASP B 220 21.49 7.44 1.81
CA ASP B 220 21.06 8.58 2.62
C ASP B 220 22.13 9.65 2.70
N MET B 221 23.37 9.21 2.90
CA MET B 221 24.48 10.13 2.90
C MET B 221 24.62 10.92 1.60
N TRP B 222 24.36 10.24 0.48
CA TRP B 222 24.40 10.85 -0.84
C TRP B 222 23.37 11.98 -0.94
N SER B 223 22.13 11.66 -0.58
CA SER B 223 21.05 12.61 -0.49
C SER B 223 21.49 13.79 0.39
N LEU B 224 22.09 13.49 1.55
CA LEU B 224 22.53 14.54 2.46
C LEU B 224 23.51 15.52 1.82
N GLY B 225 24.54 14.98 1.19
CA GLY B 225 25.48 15.77 0.37
C GLY B 225 24.73 16.74 -0.58
N CYS B 226 23.72 16.25 -1.30
CA CYS B 226 22.98 17.09 -2.27
C CYS B 226 22.21 18.19 -1.55
N ILE B 227 21.52 17.80 -0.47
CA ILE B 227 20.74 18.68 0.40
C ILE B 227 21.56 19.83 0.96
N LEU B 228 22.77 19.53 1.45
CA LEU B 228 23.57 20.56 2.08
C LEU B 228 24.02 21.64 1.09
N VAL B 229 24.37 21.24 -0.13
CA VAL B 229 24.86 22.14 -1.16
C VAL B 229 23.68 23.05 -1.54
N GLU B 230 22.51 22.41 -1.73
CA GLU B 230 21.24 23.07 -1.98
C GLU B 230 20.86 24.07 -0.87
N MET B 231 21.03 23.67 0.40
CA MET B 231 20.73 24.55 1.54
C MET B 231 21.55 25.84 1.53
N HIS B 232 22.76 25.79 0.95
CA HIS B 232 23.62 26.95 0.88
C HIS B 232 23.46 27.77 -0.39
N THR B 233 23.25 27.11 -1.53
CA THR B 233 23.13 27.77 -2.82
C THR B 233 21.71 28.25 -3.12
N GLY B 234 20.70 27.55 -2.59
CA GLY B 234 19.30 27.90 -2.78
C GLY B 234 18.59 27.01 -3.78
N GLU B 235 19.37 26.31 -4.58
CA GLU B 235 18.81 25.47 -5.63
C GLU B 235 19.46 24.08 -5.64
N PRO B 236 18.78 23.08 -6.25
CA PRO B 236 19.26 21.69 -6.16
C PRO B 236 20.52 21.49 -6.96
N LEU B 237 21.41 20.65 -6.44
CA LEU B 237 22.69 20.42 -7.10
C LEU B 237 22.51 19.71 -8.45
N PHE B 238 21.65 18.70 -8.44
CA PHE B 238 21.43 17.85 -9.59
C PHE B 238 19.93 17.82 -9.90
N SER B 239 19.44 18.80 -10.65
CA SER B 239 18.00 18.89 -10.94
C SER B 239 17.65 18.21 -12.27
N GLY B 240 17.59 16.89 -12.25
CA GLY B 240 17.36 16.08 -13.46
C GLY B 240 15.89 15.99 -13.84
N ALA B 241 15.60 16.10 -15.13
CA ALA B 241 14.22 16.05 -15.66
C ALA B 241 13.71 14.61 -15.75
N ASN B 242 14.66 13.68 -15.74
CA ASN B 242 14.46 12.23 -15.84
C ASN B 242 15.78 11.50 -15.41
N GLU B 243 15.80 10.17 -15.43
CA GLU B 243 17.01 9.47 -14.92
C GLU B 243 18.27 9.71 -15.75
N VAL B 244 18.11 9.82 -17.07
CA VAL B 244 19.21 10.15 -17.99
C VAL B 244 19.76 11.54 -17.63
N ASP B 245 18.87 12.54 -17.62
CA ASP B 245 19.26 13.91 -17.30
C ASP B 245 19.86 14.04 -15.90
N GLN B 246 19.33 13.26 -14.95
CA GLN B 246 19.90 13.13 -13.61
C GLN B 246 21.37 12.67 -13.60
N MET B 247 21.65 11.54 -14.24
CA MET B 247 23.01 10.99 -14.27
C MET B 247 23.94 11.97 -15.00
N ASN B 248 23.47 12.57 -16.09
CA ASN B 248 24.29 13.53 -16.83
C ASN B 248 24.64 14.78 -16.03
N LYS B 249 23.70 15.26 -15.21
CA LYS B 249 23.99 16.36 -14.30
C LYS B 249 25.00 15.99 -13.19
N ILE B 250 24.94 14.76 -12.69
CA ILE B 250 25.94 14.25 -11.71
C ILE B 250 27.33 14.20 -12.34
N VAL B 251 27.45 13.52 -13.47
CA VAL B 251 28.68 13.45 -14.30
C VAL B 251 29.34 14.82 -14.60
N GLU B 252 28.52 15.82 -14.99
CA GLU B 252 28.96 17.21 -15.16
C GLU B 252 29.77 17.71 -13.99
N VAL B 253 29.33 17.37 -12.78
CA VAL B 253 30.02 17.79 -11.57
C VAL B 253 31.17 16.83 -11.21
N LEU B 254 30.90 15.53 -11.19
CA LEU B 254 31.81 14.56 -10.57
C LEU B 254 32.62 13.65 -11.53
N GLY B 255 32.46 13.87 -12.83
CA GLY B 255 33.14 13.07 -13.83
C GLY B 255 32.42 11.78 -14.12
N ILE B 256 33.07 10.94 -14.93
CA ILE B 256 32.60 9.59 -15.24
C ILE B 256 32.83 8.69 -14.01
N PRO B 257 31.82 7.89 -13.60
CA PRO B 257 31.96 6.98 -12.44
C PRO B 257 33.06 5.96 -12.67
N PRO B 258 33.63 5.38 -11.58
CA PRO B 258 34.72 4.43 -11.79
C PRO B 258 34.31 3.32 -12.72
N ALA B 259 35.28 2.83 -13.49
CA ALA B 259 35.13 1.64 -14.31
C ALA B 259 34.68 0.41 -13.49
N HIS B 260 35.24 0.23 -12.29
CA HIS B 260 34.94 -1.00 -11.51
C HIS B 260 33.51 -1.09 -11.07
N ILE B 261 32.87 0.08 -10.96
CA ILE B 261 31.46 0.17 -10.61
C ILE B 261 30.63 -0.08 -11.85
N LEU B 262 30.85 0.72 -12.90
CA LEU B 262 30.11 0.60 -14.17
C LEU B 262 30.14 -0.80 -14.80
N ASP B 263 31.27 -1.50 -14.67
CA ASP B 263 31.37 -2.95 -14.99
C ASP B 263 30.39 -3.82 -14.21
N GLN B 264 29.98 -3.38 -13.03
CA GLN B 264 29.06 -4.18 -12.21
C GLN B 264 27.63 -3.59 -12.15
N ALA B 265 27.34 -2.63 -13.01
CA ALA B 265 26.05 -1.95 -12.96
C ALA B 265 25.09 -2.47 -14.03
N PRO B 266 23.98 -3.12 -13.61
CA PRO B 266 22.96 -3.58 -14.57
C PRO B 266 22.43 -2.52 -15.55
N LYS B 267 22.38 -1.26 -15.12
CA LYS B 267 21.80 -0.18 -15.94
C LYS B 267 22.84 0.74 -16.58
N ALA B 268 24.12 0.37 -16.50
CA ALA B 268 25.21 1.14 -17.10
C ALA B 268 24.94 1.63 -18.53
N ARG B 269 24.40 0.75 -19.37
CA ARG B 269 24.12 1.08 -20.78
C ARG B 269 22.99 2.08 -20.99
N LYS B 270 22.30 2.42 -19.91
CA LYS B 270 21.29 3.50 -19.97
C LYS B 270 21.96 4.85 -20.16
N PHE B 271 23.17 4.99 -19.61
CA PHE B 271 23.84 6.29 -19.56
C PHE B 271 25.19 6.29 -20.28
N PHE B 272 25.86 5.13 -20.28
CA PHE B 272 27.27 5.01 -20.67
C PHE B 272 27.51 3.92 -21.71
N GLU B 273 28.62 4.02 -22.45
CA GLU B 273 29.12 2.89 -23.25
C GLU B 273 30.57 2.52 -22.94
N LYS B 274 30.84 1.21 -22.93
CA LYS B 274 32.16 0.68 -22.67
C LYS B 274 32.98 0.72 -23.97
N LEU B 275 34.14 1.36 -23.93
CA LEU B 275 34.97 1.52 -25.14
C LEU B 275 35.92 0.30 -25.30
N PRO B 276 36.48 0.10 -26.52
CA PRO B 276 37.34 -1.08 -26.78
C PRO B 276 38.45 -1.38 -25.74
N ASP B 277 38.89 -0.36 -24.99
CA ASP B 277 39.97 -0.52 -24.00
C ASP B 277 39.53 -0.77 -22.55
N GLY B 278 38.22 -0.92 -22.33
CA GLY B 278 37.70 -1.17 -20.98
C GLY B 278 37.15 0.05 -20.27
N THR B 279 37.54 1.23 -20.73
CA THR B 279 37.09 2.47 -20.11
C THR B 279 35.71 2.83 -20.64
N TRP B 280 35.05 3.77 -19.95
CA TRP B 280 33.68 4.18 -20.27
C TRP B 280 33.59 5.64 -20.57
N ASN B 281 32.56 6.02 -21.33
CA ASN B 281 32.20 7.41 -21.54
C ASN B 281 30.69 7.44 -21.60
N LEU B 282 30.12 8.65 -21.63
CA LEU B 282 28.69 8.85 -21.92
C LEU B 282 28.31 8.32 -23.31
N LYS B 283 27.01 8.21 -23.60
CA LYS B 283 26.51 7.59 -24.85
C LYS B 283 26.62 8.50 -26.07
N TYR B 292 25.20 18.80 -22.59
CA TYR B 292 25.85 18.92 -21.29
C TYR B 292 27.30 19.38 -21.36
N LYS B 293 27.72 20.14 -20.35
CA LYS B 293 29.14 20.40 -20.10
C LYS B 293 29.91 19.07 -20.01
N PRO B 294 31.19 19.06 -20.48
CA PRO B 294 32.00 17.83 -20.44
C PRO B 294 32.15 17.29 -19.00
N PRO B 295 32.47 15.98 -18.84
CA PRO B 295 32.67 15.44 -17.49
C PRO B 295 33.56 16.29 -16.57
N GLY B 296 33.15 16.40 -15.29
CA GLY B 296 33.89 17.11 -14.26
C GLY B 296 34.13 18.61 -14.42
N THR B 297 33.42 19.26 -15.35
CA THR B 297 33.68 20.67 -15.70
C THR B 297 32.89 21.68 -14.85
N ARG B 298 31.72 21.26 -14.37
CA ARG B 298 30.92 22.06 -13.45
C ARG B 298 31.48 21.77 -12.05
N LYS B 299 32.58 22.43 -11.73
CA LYS B 299 33.36 22.12 -10.54
C LYS B 299 32.64 22.58 -9.25
N LEU B 300 32.62 21.71 -8.25
CA LEU B 300 31.97 22.03 -6.98
C LEU B 300 32.63 23.26 -6.35
N HIS B 301 33.96 23.31 -6.43
CA HIS B 301 34.76 24.50 -6.14
C HIS B 301 34.10 25.79 -6.62
N ASN B 302 33.53 25.76 -7.82
CA ASN B 302 32.94 26.95 -8.44
C ASN B 302 31.47 27.19 -8.13
N ILE B 303 30.71 26.10 -7.98
CA ILE B 303 29.29 26.18 -7.61
C ILE B 303 29.19 26.76 -6.20
N LEU B 304 30.12 26.35 -5.33
CA LEU B 304 30.17 26.84 -3.95
C LEU B 304 30.85 28.21 -3.82
N GLY B 305 31.64 28.59 -4.83
CA GLY B 305 32.42 29.83 -4.83
C GLY B 305 33.53 29.89 -3.81
N VAL B 306 34.14 28.73 -3.52
CA VAL B 306 35.19 28.60 -2.51
C VAL B 306 36.09 29.82 -2.40
N GLU B 307 36.56 30.30 -3.55
CA GLU B 307 37.56 31.35 -3.59
C GLU B 307 36.97 32.73 -3.90
N THR B 308 35.65 32.79 -4.11
CA THR B 308 35.03 34.03 -4.62
C THR B 308 33.88 34.60 -3.76
N GLY B 309 33.94 34.38 -2.45
CA GLY B 309 32.90 34.86 -1.54
C GLY B 309 31.58 34.10 -1.60
N GLY B 310 31.66 32.78 -1.80
CA GLY B 310 30.48 31.92 -1.75
C GLY B 310 29.63 31.96 -3.00
N PRO B 311 28.40 31.37 -2.93
CA PRO B 311 27.42 31.41 -4.02
C PRO B 311 27.05 32.84 -4.35
N GLY B 312 27.15 33.21 -5.62
CA GLY B 312 26.81 34.55 -6.13
C GLY B 312 27.53 35.71 -5.47
N GLY B 313 28.73 35.47 -4.95
CA GLY B 313 29.50 36.47 -4.21
C GLY B 313 28.84 37.03 -2.95
N ARG B 314 27.64 36.53 -2.64
CA ARG B 314 26.79 37.09 -1.58
C ARG B 314 27.33 36.96 -0.14
N ARG B 315 28.36 36.14 0.05
CA ARG B 315 28.86 35.88 1.41
C ARG B 315 30.23 36.50 1.67
N ALA B 316 30.69 37.36 0.76
CA ALA B 316 32.05 37.93 0.81
C ALA B 316 32.33 38.68 2.11
N GLY B 317 33.48 38.39 2.72
CA GLY B 317 33.88 38.97 4.00
C GLY B 317 33.10 38.56 5.25
N GLU B 318 31.94 37.91 5.07
CA GLU B 318 31.10 37.44 6.19
C GLU B 318 31.84 36.36 7.00
N SER B 319 31.82 36.48 8.32
CA SER B 319 32.62 35.58 9.19
C SER B 319 32.11 34.13 9.12
N GLY B 320 32.98 33.16 9.42
CA GLY B 320 32.66 31.74 9.22
C GLY B 320 32.57 31.31 7.74
N HIS B 321 32.80 32.26 6.83
CA HIS B 321 32.74 32.05 5.37
C HIS B 321 34.06 32.34 4.70
N THR B 322 35.18 31.94 5.33
CA THR B 322 36.51 32.15 4.76
C THR B 322 36.76 31.12 3.65
N VAL B 323 37.84 31.31 2.91
CA VAL B 323 38.28 30.31 1.93
C VAL B 323 38.52 28.95 2.61
N ALA B 324 39.19 28.95 3.75
CA ALA B 324 39.45 27.74 4.51
C ALA B 324 38.14 27.07 4.99
N ASP B 325 37.13 27.88 5.26
CA ASP B 325 35.83 27.34 5.66
C ASP B 325 35.11 26.64 4.49
N TYR B 326 35.20 27.22 3.29
CA TYR B 326 34.61 26.65 2.08
C TYR B 326 35.33 25.41 1.60
N LEU B 327 36.64 25.38 1.77
CA LEU B 327 37.45 24.21 1.43
C LEU B 327 37.09 23.02 2.30
N LYS B 328 36.88 23.27 3.59
CA LYS B 328 36.45 22.27 4.55
C LYS B 328 35.07 21.72 4.20
N PHE B 329 34.18 22.62 3.80
CA PHE B 329 32.82 22.25 3.40
C PHE B 329 32.82 21.47 2.10
N LYS B 330 33.58 21.96 1.12
CA LYS B 330 33.72 21.28 -0.17
C LYS B 330 34.29 19.86 0.02
N ASP B 331 35.32 19.74 0.87
CA ASP B 331 35.92 18.44 1.14
C ASP B 331 34.87 17.49 1.69
N LEU B 332 34.10 17.94 2.68
CA LEU B 332 33.05 17.09 3.29
C LEU B 332 32.01 16.60 2.28
N ILE B 333 31.45 17.55 1.53
CA ILE B 333 30.49 17.24 0.47
C ILE B 333 30.98 16.18 -0.52
N LEU B 334 32.18 16.38 -1.06
CA LEU B 334 32.82 15.41 -1.97
C LEU B 334 32.99 13.99 -1.38
N ARG B 335 33.19 13.89 -0.07
CA ARG B 335 33.19 12.58 0.59
C ARG B 335 31.79 12.02 0.71
N MET B 336 30.77 12.89 0.79
CA MET B 336 29.39 12.44 0.80
C MET B 336 28.93 12.03 -0.60
N LEU B 337 29.56 12.64 -1.62
CA LEU B 337 29.19 12.40 -3.03
C LEU B 337 30.16 11.44 -3.74
N ASP B 338 30.83 10.61 -2.96
CA ASP B 338 31.67 9.58 -3.51
C ASP B 338 30.76 8.65 -4.32
N TYR B 339 31.15 8.39 -5.58
CA TYR B 339 30.46 7.40 -6.43
C TYR B 339 30.44 6.01 -5.79
N ASP B 340 31.49 5.67 -5.05
CA ASP B 340 31.58 4.34 -4.45
C ASP B 340 30.86 4.35 -3.11
N PRO B 341 29.76 3.59 -2.99
CA PRO B 341 29.11 3.50 -1.68
C PRO B 341 29.98 2.90 -0.58
N LYS B 342 30.98 2.09 -0.95
CA LYS B 342 31.87 1.48 0.05
C LYS B 342 32.77 2.51 0.72
N THR B 343 33.23 3.49 -0.05
CA THR B 343 34.18 4.47 0.50
C THR B 343 33.53 5.80 0.90
N ARG B 344 32.27 6.00 0.53
CA ARG B 344 31.50 7.21 0.85
C ARG B 344 31.55 7.41 2.35
N ILE B 345 31.77 8.66 2.78
CA ILE B 345 31.84 8.96 4.22
C ILE B 345 30.63 8.45 5.00
N GLN B 346 30.89 7.86 6.16
CA GLN B 346 29.85 7.39 7.07
C GLN B 346 29.53 8.41 8.18
N PRO B 347 28.33 8.33 8.77
CA PRO B 347 27.96 9.37 9.75
C PRO B 347 28.98 9.62 10.88
N TYR B 348 29.42 8.56 11.58
CA TYR B 348 30.34 8.68 12.72
C TYR B 348 31.60 9.43 12.35
N TYR B 349 32.17 9.08 11.22
CA TYR B 349 33.38 9.73 10.69
C TYR B 349 33.14 11.12 10.10
N ALA B 350 31.96 11.34 9.52
CA ALA B 350 31.58 12.67 9.01
C ALA B 350 31.58 13.66 10.18
N LEU B 351 31.20 13.17 11.35
CA LEU B 351 31.16 14.02 12.56
C LEU B 351 32.53 14.47 13.09
N GLN B 352 33.58 13.79 12.65
CA GLN B 352 34.97 14.11 13.02
C GLN B 352 35.62 15.11 12.06
N HIS B 353 34.96 15.39 10.93
CA HIS B 353 35.47 16.30 9.91
C HIS B 353 35.78 17.67 10.48
N SER B 354 36.82 18.32 9.95
CA SER B 354 37.25 19.65 10.42
C SER B 354 36.23 20.77 10.14
N PHE B 355 35.33 20.53 9.20
CA PHE B 355 34.22 21.46 8.97
C PHE B 355 33.47 21.66 10.30
N PHE B 356 33.48 20.66 11.18
CA PHE B 356 32.77 20.82 12.45
C PHE B 356 33.52 21.45 13.61
N LYS B 357 34.82 21.73 13.44
CA LYS B 357 35.62 22.31 14.54
C LYS B 357 36.29 23.60 14.17
C7 9OL C . -8.97 -9.20 -13.38
C4 9OL C . -9.33 -11.71 -17.32
C5 9OL C . -9.27 -9.31 -14.73
C6 9OL C . -9.68 -6.89 -13.45
C3 9OL C . -9.17 -7.98 -12.74
C2 9OL C . -9.97 -7.02 -14.80
C1 9OL C . -9.76 -8.22 -15.43
C8 9OL C . -8.19 -11.52 -14.88
C9 9OL C . -9.01 -10.54 -15.41
C10 9OL C . -7.99 -12.61 -15.71
C11 9OL C . -8.99 -4.64 -13.12
C12 9OL C . -9.90 -5.58 -12.84
C13 9OL C . -8.43 -10.38 -12.64
C14 9OL C . -12.27 -6.07 -11.93
C15 9OL C . -10.62 -4.70 -10.58
C16 9OL C . -13.39 -5.31 -11.22
C17 9OL C . -11.79 -3.96 -9.95
C18 9OL C . -11.02 -5.21 -11.95
C19 9OL C . -7.58 -11.34 -13.49
C20 9OL C . -6.18 -10.78 -13.56
C21 9OL C . -7.52 -12.63 -12.73
N22 9OL C . -9.58 -10.61 -16.63
N23 9OL C . -8.55 -12.72 -16.93
N24 9OL C . -12.99 -4.78 -9.90
N25 9OL C . -7.18 -13.69 -15.35
C7 9OL D . 3.93 16.32 7.75
C4 9OL D . 3.94 19.45 11.24
C5 9OL D . 3.46 17.50 8.30
C6 9OL D . 2.70 16.75 5.74
C3 9OL D . 3.55 15.95 6.48
C2 9OL D . 2.23 17.93 6.28
C1 9OL D . 2.60 18.31 7.56
C8 9OL D . 4.31 16.89 10.54
C9 9OL D . 3.83 17.85 9.65
C10 9OL D . 4.59 17.36 11.84
C11 9OL D . 1.06 15.82 4.25
C12 9OL D . 2.28 16.36 4.38
C13 9OL D . 4.84 15.45 8.56
C14 9OL D . 4.28 17.51 3.15
C15 9OL D . 3.36 15.29 2.31
C16 9OL D . 4.69 17.79 1.72
C17 9OL D . 3.78 15.70 0.91
C18 9OL D . 3.11 16.54 3.14
C19 9OL D . 4.50 15.46 10.06
C20 9OL D . 3.27 14.61 10.35
C21 9OL D . 5.65 14.75 10.76
N22 9OL D . 3.63 19.14 9.98
N23 9OL D . 4.41 18.63 12.19
N24 9OL D . 4.98 16.55 0.99
N25 9OL D . 5.06 16.51 12.85
#